data_4BQK
#
_entry.id   4BQK
#
_cell.length_a   62.803
_cell.length_b   140.948
_cell.length_c   72.632
_cell.angle_alpha   90.00
_cell.angle_beta   90.00
_cell.angle_gamma   90.00
#
_symmetry.space_group_name_H-M   'P 1 21 1'
#
loop_
_entity.id
_entity.type
_entity.pdbx_description
1 polymer 'IMPORTIN SUBUNIT ALPHA-1A'
2 polymer 'T-DNA BORDER ENDONUCLEASE VIRD2'
3 non-polymer DI(HYDROXYETHYL)ETHER
4 water water
#
loop_
_entity_poly.entity_id
_entity_poly.type
_entity_poly.pdbx_seq_one_letter_code
_entity_poly.pdbx_strand_id
1 'polypeptide(L)'
;GSSLPAMIGGVYSDDNNLQLEATTQFRKLLSIERSPPIEEVIQSGVVPRFVQFLTREDFPQLQFEAAWALTNIASGTSEN
TKVVIDHGAVPIFVKLLGSSSDDVREQAVWALGNVAGDSPKCRDLVLANGALLPLLAQLNEHTKLSMLRNATWTLSNFCR
GKPQPSFEQTRPALPALARLIHSNDEEVLTDACWALSYLSDGTNDKIQAVIEAGVCPRLVELLLHPSPSVLIPALRTVGN
IVTGDDAQTQCIIDHQALPCLLSLLTQNLKKSIKKEACWTISNITAGNKDQIQAVINAGIIGPLVNLLQTAEFDIKKEAA
WAISNATSGGSHDQIKYLVSEGCIKPLCDLLICPDIRIVTVCLEGLENILKVGETDKTLAAGDVNVFSQMIDEAEGLEKI
ENLQSHDNNEIYEKAVKILEAYWMDEEDDTMGATTVAAPQGATFDFGQGGGAAQFK
;
A,B
2 'polypeptide(L)' LSKRPREDDDGEPSERKRER C,D
#
loop_
_chem_comp.id
_chem_comp.type
_chem_comp.name
_chem_comp.formula
PEG non-polymer DI(HYDROXYETHYL)ETHER 'C4 H10 O3'
#
# COMPACT_ATOMS: atom_id res chain seq x y z
N GLY A 1 -31.30 26.91 11.69
CA GLY A 1 -31.57 28.33 11.69
C GLY A 1 -31.88 28.90 13.06
N SER A 2 -33.15 29.23 13.26
CA SER A 2 -33.63 29.82 14.50
C SER A 2 -33.54 28.89 15.73
N SER A 3 -33.38 27.59 15.53
CA SER A 3 -33.20 26.65 16.64
C SER A 3 -31.74 26.45 17.03
N LEU A 4 -30.84 26.92 16.19
CA LEU A 4 -29.44 26.55 16.31
C LEU A 4 -28.84 26.84 17.66
N PRO A 5 -29.05 28.03 18.20
CA PRO A 5 -28.47 28.33 19.51
C PRO A 5 -28.97 27.42 20.61
N ALA A 6 -30.23 27.01 20.56
CA ALA A 6 -30.75 26.09 21.57
C ALA A 6 -30.07 24.73 21.34
N MET A 7 -29.82 24.41 20.09
CA MET A 7 -29.18 23.16 19.75
C MET A 7 -27.70 23.09 20.20
N ILE A 8 -26.93 24.15 19.93
CA ILE A 8 -25.52 24.16 20.34
C ILE A 8 -25.45 24.18 21.87
N GLY A 9 -26.31 25.00 22.47
CA GLY A 9 -26.43 25.08 23.92
C GLY A 9 -26.77 23.73 24.53
N GLY A 10 -27.69 23.01 23.88
CA GLY A 10 -28.06 21.69 24.34
C GLY A 10 -26.85 20.75 24.35
N VAL A 11 -26.13 20.67 23.23
CA VAL A 11 -25.02 19.73 23.17
C VAL A 11 -23.90 20.12 24.14
N TYR A 12 -23.75 21.42 24.41
CA TYR A 12 -22.67 21.86 25.31
C TYR A 12 -23.07 21.88 26.80
N SER A 13 -24.35 21.63 27.09
CA SER A 13 -24.82 21.59 28.47
C SER A 13 -24.39 20.29 29.17
N ASP A 14 -24.57 20.26 30.49
CA ASP A 14 -24.31 19.05 31.27
C ASP A 14 -25.61 18.33 31.63
N ASP A 15 -26.71 18.70 30.99
CA ASP A 15 -28.01 18.10 31.27
C ASP A 15 -28.30 16.97 30.26
N ASN A 16 -28.50 15.75 30.76
CA ASN A 16 -28.71 14.59 29.89
C ASN A 16 -29.84 14.83 28.90
N ASN A 17 -30.95 15.37 29.40
CA ASN A 17 -32.10 15.57 28.54
C ASN A 17 -31.86 16.61 27.44
N LEU A 18 -31.12 17.67 27.77
CA LEU A 18 -30.86 18.71 26.79
C LEU A 18 -29.87 18.20 25.76
N GLN A 19 -28.92 17.38 26.20
CA GLN A 19 -27.94 16.76 25.31
C GLN A 19 -28.64 15.84 24.32
N LEU A 20 -29.57 15.05 24.83
CA LEU A 20 -30.28 14.07 23.99
C LEU A 20 -31.20 14.77 23.00
N GLU A 21 -31.89 15.79 23.46
CA GLU A 21 -32.82 16.53 22.61
C GLU A 21 -32.07 17.23 21.46
N ALA A 22 -31.03 17.96 21.83
CA ALA A 22 -30.19 18.67 20.86
C ALA A 22 -29.47 17.74 19.87
N THR A 23 -28.85 16.69 20.39
CA THR A 23 -28.17 15.74 19.52
C THR A 23 -29.17 15.14 18.55
N THR A 24 -30.39 14.86 18.99
CA THR A 24 -31.43 14.28 18.15
C THR A 24 -31.84 15.24 17.03
N GLN A 25 -31.90 16.52 17.37
CA GLN A 25 -32.24 17.53 16.40
C GLN A 25 -31.17 17.64 15.33
N PHE A 26 -29.91 17.55 15.73
CA PHE A 26 -28.84 17.56 14.78
C PHE A 26 -28.89 16.30 13.90
N ARG A 27 -29.26 15.17 14.47
CA ARG A 27 -29.26 13.94 13.73
C ARG A 27 -30.29 14.03 12.62
N LYS A 28 -31.42 14.62 12.94
CA LYS A 28 -32.51 14.76 11.99
C LYS A 28 -32.06 15.70 10.87
N LEU A 29 -31.39 16.76 11.26
CA LEU A 29 -30.89 17.72 10.30
C LEU A 29 -29.95 17.06 9.29
N LEU A 30 -29.09 16.18 9.79
CA LEU A 30 -28.06 15.55 8.99
C LEU A 30 -28.65 14.40 8.19
N SER A 31 -29.90 14.05 8.46
CA SER A 31 -30.57 12.98 7.75
C SER A 31 -31.44 13.45 6.60
N ILE A 32 -31.39 14.74 6.27
CA ILE A 32 -32.20 15.20 5.15
C ILE A 32 -31.59 14.66 3.86
N GLU A 33 -32.45 14.31 2.92
CA GLU A 33 -32.06 13.51 1.76
C GLU A 33 -31.05 14.19 0.85
N ARG A 34 -31.36 15.41 0.43
CA ARG A 34 -30.47 16.12 -0.49
C ARG A 34 -29.77 17.29 0.19
N SER A 35 -28.45 17.35 0.05
CA SER A 35 -27.65 18.44 0.61
C SER A 35 -27.88 18.67 2.10
N PRO A 36 -27.67 17.63 2.91
CA PRO A 36 -27.68 17.76 4.37
C PRO A 36 -26.69 18.86 4.78
N PRO A 37 -27.03 19.74 5.72
CA PRO A 37 -26.06 20.78 6.08
C PRO A 37 -24.88 20.26 6.91
N ILE A 38 -24.11 19.33 6.36
CA ILE A 38 -22.97 18.74 7.07
C ILE A 38 -21.94 19.78 7.45
N GLU A 39 -21.57 20.65 6.50
CA GLU A 39 -20.58 21.69 6.78
C GLU A 39 -21.02 22.68 7.90
N GLU A 40 -22.28 23.08 7.88
CA GLU A 40 -22.82 23.92 8.92
C GLU A 40 -22.72 23.26 10.31
N VAL A 41 -23.02 21.96 10.37
CA VAL A 41 -22.99 21.25 11.65
C VAL A 41 -21.57 21.17 12.16
N ILE A 42 -20.60 20.92 11.27
CA ILE A 42 -19.21 20.90 11.67
C ILE A 42 -18.78 22.27 12.18
N GLN A 43 -19.16 23.33 11.47
CA GLN A 43 -18.76 24.65 11.85
C GLN A 43 -19.41 25.10 13.17
N SER A 44 -20.50 24.44 13.55
CA SER A 44 -21.24 24.86 14.75
C SER A 44 -20.53 24.24 16.00
N GLY A 45 -19.48 23.45 15.76
CA GLY A 45 -18.57 23.03 16.82
C GLY A 45 -19.01 21.87 17.68
N VAL A 46 -19.96 21.09 17.19
CA VAL A 46 -20.55 20.04 18.00
C VAL A 46 -19.89 18.68 17.81
N VAL A 47 -19.04 18.52 16.78
CA VAL A 47 -18.43 17.23 16.56
C VAL A 47 -17.64 16.68 17.76
N PRO A 48 -16.79 17.50 18.37
CA PRO A 48 -16.07 16.88 19.50
C PRO A 48 -17.03 16.46 20.65
N ARG A 49 -18.15 17.17 20.84
CA ARG A 49 -19.10 16.75 21.84
C ARG A 49 -19.78 15.42 21.46
N PHE A 50 -20.17 15.30 20.19
CA PHE A 50 -20.72 14.06 19.69
C PHE A 50 -19.78 12.90 19.92
N VAL A 51 -18.49 13.14 19.73
CA VAL A 51 -17.53 12.08 19.93
C VAL A 51 -17.42 11.68 21.42
N GLN A 52 -17.47 12.68 22.30
CA GLN A 52 -17.54 12.42 23.75
C GLN A 52 -18.79 11.60 24.11
N PHE A 53 -19.92 11.95 23.49
CA PHE A 53 -21.16 11.24 23.75
C PHE A 53 -21.08 9.76 23.40
N LEU A 54 -20.21 9.40 22.47
CA LEU A 54 -20.06 7.99 22.10
C LEU A 54 -19.57 7.16 23.28
N THR A 55 -18.89 7.81 24.23
CA THR A 55 -18.29 7.08 25.32
C THR A 55 -19.21 6.99 26.54
N ARG A 56 -20.43 7.53 26.43
CA ARG A 56 -21.37 7.53 27.56
C ARG A 56 -22.14 6.21 27.66
N GLU A 57 -21.51 5.20 28.24
CA GLU A 57 -22.11 3.88 28.16
C GLU A 57 -23.28 3.70 29.11
N ASP A 58 -23.51 4.70 29.96
CA ASP A 58 -24.71 4.78 30.82
C ASP A 58 -25.94 5.29 30.06
N PHE A 59 -25.73 5.74 28.82
CA PHE A 59 -26.76 6.51 28.12
C PHE A 59 -26.76 6.04 26.67
N PRO A 60 -27.16 4.79 26.45
CA PRO A 60 -27.13 4.20 25.09
C PRO A 60 -27.94 5.02 24.07
N GLN A 61 -29.06 5.62 24.47
CA GLN A 61 -29.81 6.44 23.53
C GLN A 61 -28.99 7.62 22.99
N LEU A 62 -28.21 8.26 23.86
CA LEU A 62 -27.39 9.39 23.44
C LEU A 62 -26.25 8.90 22.55
N GLN A 63 -25.68 7.76 22.93
CA GLN A 63 -24.63 7.13 22.11
C GLN A 63 -25.12 6.87 20.69
N PHE A 64 -26.34 6.40 20.60
CA PHE A 64 -26.92 6.04 19.33
C PHE A 64 -27.15 7.27 18.44
N GLU A 65 -27.83 8.28 18.98
CA GLU A 65 -28.07 9.51 18.26
C GLU A 65 -26.76 10.19 17.82
N ALA A 66 -25.77 10.20 18.72
CA ALA A 66 -24.47 10.79 18.40
C ALA A 66 -23.78 9.97 17.29
N ALA A 67 -23.87 8.65 17.38
CA ALA A 67 -23.28 7.80 16.36
C ALA A 67 -23.94 8.01 14.99
N TRP A 68 -25.26 8.18 14.99
CA TRP A 68 -25.99 8.42 13.74
C TRP A 68 -25.61 9.79 13.13
N ALA A 69 -25.52 10.83 13.97
CA ALA A 69 -25.08 12.14 13.52
C ALA A 69 -23.66 12.07 12.91
N LEU A 70 -22.75 11.42 13.61
CA LEU A 70 -21.39 11.23 13.11
C LEU A 70 -21.32 10.38 11.82
N THR A 71 -22.13 9.33 11.73
CA THR A 71 -22.21 8.53 10.52
C THR A 71 -22.51 9.40 9.33
N ASN A 72 -23.48 10.27 9.52
CA ASN A 72 -23.92 11.15 8.47
C ASN A 72 -22.97 12.26 8.13
N ILE A 73 -22.25 12.79 9.12
CA ILE A 73 -21.17 13.72 8.81
C ILE A 73 -20.12 12.99 7.98
N ALA A 74 -19.84 11.72 8.32
CA ALA A 74 -18.79 10.98 7.65
C ALA A 74 -19.22 10.50 6.27
N SER A 75 -20.50 10.61 5.97
CA SER A 75 -21.02 10.29 4.64
C SER A 75 -20.83 11.42 3.62
N GLY A 76 -20.29 12.56 4.04
CA GLY A 76 -20.15 13.69 3.12
C GLY A 76 -18.81 13.67 2.38
N THR A 77 -18.20 14.84 2.23
CA THR A 77 -16.95 14.93 1.50
C THR A 77 -15.81 14.29 2.29
N SER A 78 -14.66 14.14 1.63
CA SER A 78 -13.46 13.67 2.31
C SER A 78 -13.06 14.60 3.42
N GLU A 79 -13.20 15.90 3.22
CA GLU A 79 -12.89 16.84 4.30
C GLU A 79 -13.86 16.59 5.46
N ASN A 80 -15.13 16.35 5.17
CA ASN A 80 -16.06 16.11 6.29
C ASN A 80 -15.65 14.88 7.08
N THR A 81 -15.25 13.83 6.38
CA THR A 81 -14.83 12.59 7.01
C THR A 81 -13.54 12.81 7.84
N LYS A 82 -12.63 13.60 7.31
CA LYS A 82 -11.40 13.91 8.03
C LYS A 82 -11.64 14.58 9.39
N VAL A 83 -12.69 15.40 9.52
CA VAL A 83 -13.00 16.01 10.82
C VAL A 83 -13.39 14.92 11.87
N VAL A 84 -14.15 13.93 11.44
CA VAL A 84 -14.51 12.82 12.33
C VAL A 84 -13.25 12.05 12.76
N ILE A 85 -12.38 11.79 11.80
CA ILE A 85 -11.15 11.10 12.08
C ILE A 85 -10.25 11.90 13.05
N ASP A 86 -10.07 13.19 12.80
CA ASP A 86 -9.23 14.06 13.64
C ASP A 86 -9.71 14.16 15.08
N HIS A 87 -11.01 14.03 15.30
CA HIS A 87 -11.55 14.04 16.67
C HIS A 87 -11.62 12.67 17.35
N GLY A 88 -10.90 11.73 16.76
CA GLY A 88 -10.64 10.46 17.39
C GLY A 88 -11.78 9.48 17.36
N ALA A 89 -12.71 9.63 16.42
CA ALA A 89 -13.88 8.77 16.50
C ALA A 89 -13.61 7.31 16.12
N VAL A 90 -12.57 7.02 15.34
CA VAL A 90 -12.40 5.68 14.78
C VAL A 90 -12.15 4.61 15.86
N PRO A 91 -11.19 4.84 16.75
CA PRO A 91 -11.04 3.86 17.84
C PRO A 91 -12.26 3.71 18.77
N ILE A 92 -13.00 4.79 18.99
CA ILE A 92 -14.20 4.76 19.82
C ILE A 92 -15.31 3.95 19.10
N PHE A 93 -15.46 4.12 17.79
CA PHE A 93 -16.42 3.31 17.01
C PHE A 93 -16.02 1.82 17.01
N VAL A 94 -14.72 1.53 16.91
CA VAL A 94 -14.28 0.16 17.06
C VAL A 94 -14.67 -0.40 18.45
N LYS A 95 -14.45 0.38 19.49
CA LYS A 95 -14.85 -0.06 20.82
C LYS A 95 -16.37 -0.32 20.87
N LEU A 96 -17.16 0.57 20.27
CA LEU A 96 -18.63 0.41 20.22
C LEU A 96 -19.10 -0.84 19.45
N LEU A 97 -18.20 -1.48 18.71
CA LEU A 97 -18.57 -2.77 18.09
C LEU A 97 -18.78 -3.85 19.13
N GLY A 98 -18.37 -3.59 20.38
CA GLY A 98 -18.63 -4.49 21.47
C GLY A 98 -19.74 -4.01 22.41
N SER A 99 -20.48 -2.99 22.00
CA SER A 99 -21.60 -2.49 22.84
C SER A 99 -22.72 -3.51 22.99
N SER A 100 -23.35 -3.49 24.16
CA SER A 100 -24.45 -4.39 24.42
C SER A 100 -25.74 -3.87 23.80
N SER A 101 -25.73 -2.64 23.30
CA SER A 101 -26.90 -2.10 22.62
C SER A 101 -26.85 -2.48 21.14
N ASP A 102 -27.85 -3.16 20.62
CA ASP A 102 -27.83 -3.56 19.22
C ASP A 102 -27.83 -2.35 18.29
N ASP A 103 -28.60 -1.30 18.62
CA ASP A 103 -28.70 -0.12 17.75
C ASP A 103 -27.37 0.58 17.64
N VAL A 104 -26.69 0.70 18.79
CA VAL A 104 -25.36 1.30 18.82
C VAL A 104 -24.31 0.50 18.04
N ARG A 105 -24.29 -0.83 18.20
CA ARG A 105 -23.34 -1.66 17.47
C ARG A 105 -23.55 -1.48 15.96
N GLU A 106 -24.81 -1.49 15.53
CA GLU A 106 -25.11 -1.37 14.11
C GLU A 106 -24.68 -0.01 13.59
N GLN A 107 -24.95 1.04 14.36
CA GLN A 107 -24.57 2.37 13.96
C GLN A 107 -23.05 2.50 13.85
N ALA A 108 -22.33 1.91 14.81
CA ALA A 108 -20.88 1.93 14.78
C ALA A 108 -20.39 1.19 13.51
N VAL A 109 -21.08 0.12 13.14
CA VAL A 109 -20.70 -0.61 11.94
C VAL A 109 -20.86 0.29 10.72
N TRP A 110 -21.98 0.98 10.65
CA TRP A 110 -22.24 1.89 9.55
C TRP A 110 -21.21 3.02 9.48
N ALA A 111 -20.96 3.67 10.62
CA ALA A 111 -20.01 4.77 10.66
C ALA A 111 -18.63 4.34 10.13
N LEU A 112 -18.14 3.21 10.59
CA LEU A 112 -16.84 2.69 10.14
C LEU A 112 -16.85 2.37 8.63
N GLY A 113 -18.00 1.95 8.11
CA GLY A 113 -18.15 1.73 6.68
C GLY A 113 -17.99 3.04 5.92
N ASN A 114 -18.60 4.11 6.44
CA ASN A 114 -18.46 5.40 5.78
C ASN A 114 -17.03 5.92 5.85
N VAL A 115 -16.35 5.77 6.98
CA VAL A 115 -14.97 6.20 7.05
C VAL A 115 -14.09 5.37 6.10
N ALA A 116 -14.23 4.05 6.16
CA ALA A 116 -13.40 3.19 5.33
C ALA A 116 -13.69 3.50 3.87
N GLY A 117 -14.92 3.88 3.58
CA GLY A 117 -15.33 4.10 2.21
C GLY A 117 -14.74 5.32 1.58
N ASP A 118 -14.12 6.20 2.36
CA ASP A 118 -13.67 7.46 1.84
C ASP A 118 -12.51 7.31 0.88
N SER A 119 -11.56 6.42 1.21
CA SER A 119 -10.35 6.26 0.40
C SER A 119 -9.48 5.12 0.95
N PRO A 120 -8.49 4.68 0.16
CA PRO A 120 -7.61 3.62 0.68
C PRO A 120 -6.91 3.96 2.02
N LYS A 121 -6.47 5.20 2.15
CA LYS A 121 -5.89 5.66 3.41
C LYS A 121 -6.89 5.52 4.59
N CYS A 122 -8.15 5.93 4.41
CA CYS A 122 -9.08 5.89 5.55
C CYS A 122 -9.49 4.45 5.88
N ARG A 123 -9.64 3.66 4.81
CA ARG A 123 -9.82 2.21 4.95
C ARG A 123 -8.66 1.61 5.75
N ASP A 124 -7.44 1.97 5.40
CA ASP A 124 -6.28 1.42 6.07
C ASP A 124 -6.26 1.86 7.53
N LEU A 125 -6.72 3.07 7.80
CA LEU A 125 -6.74 3.56 9.20
C LEU A 125 -7.74 2.78 10.05
N VAL A 126 -8.91 2.51 9.48
CA VAL A 126 -9.92 1.67 10.12
C VAL A 126 -9.41 0.26 10.45
N LEU A 127 -8.82 -0.39 9.45
CA LEU A 127 -8.19 -1.67 9.66
C LEU A 127 -7.05 -1.57 10.69
N ALA A 128 -6.26 -0.52 10.62
CA ALA A 128 -5.14 -0.36 11.56
C ALA A 128 -5.62 -0.17 13.02
N ASN A 129 -6.86 0.27 13.21
CA ASN A 129 -7.46 0.42 14.53
C ASN A 129 -8.17 -0.85 14.97
N GLY A 130 -7.95 -1.93 14.24
CA GLY A 130 -8.44 -3.23 14.64
C GLY A 130 -9.93 -3.40 14.49
N ALA A 131 -10.52 -2.78 13.46
CA ALA A 131 -11.96 -2.91 13.30
C ALA A 131 -12.43 -4.29 12.81
N LEU A 132 -11.59 -5.02 12.09
CA LEU A 132 -12.13 -6.20 11.39
C LEU A 132 -12.64 -7.30 12.36
N LEU A 133 -11.80 -7.72 13.29
CA LEU A 133 -12.15 -8.85 14.14
C LEU A 133 -13.39 -8.62 15.02
N PRO A 134 -13.53 -7.43 15.63
CA PRO A 134 -14.77 -7.20 16.37
C PRO A 134 -15.99 -7.03 15.48
N LEU A 135 -15.82 -6.53 14.27
CA LEU A 135 -16.92 -6.47 13.32
C LEU A 135 -17.44 -7.90 13.06
N LEU A 136 -16.51 -8.82 12.80
CA LEU A 136 -16.85 -10.22 12.59
C LEU A 136 -17.39 -10.94 13.85
N ALA A 137 -16.87 -10.60 15.02
CA ALA A 137 -17.14 -11.39 16.22
C ALA A 137 -18.58 -11.27 16.66
N GLN A 138 -19.21 -10.18 16.30
CA GLN A 138 -20.56 -9.92 16.76
C GLN A 138 -21.54 -10.31 15.67
N LEU A 139 -21.03 -10.95 14.62
CA LEU A 139 -21.88 -11.71 13.67
C LEU A 139 -22.02 -13.19 14.06
N ASN A 140 -23.22 -13.73 13.90
CA ASN A 140 -23.48 -15.14 14.14
C ASN A 140 -24.84 -15.57 13.55
N GLU A 141 -25.25 -16.81 13.85
CA GLU A 141 -26.50 -17.38 13.32
C GLU A 141 -27.75 -16.59 13.71
N HIS A 142 -27.64 -15.79 14.76
CA HIS A 142 -28.78 -15.06 15.28
C HIS A 142 -28.86 -13.59 14.86
N THR A 143 -27.96 -13.14 14.00
CA THR A 143 -27.87 -11.74 13.66
C THR A 143 -29.01 -11.25 12.75
N LYS A 144 -29.72 -10.22 13.21
CA LYS A 144 -30.71 -9.46 12.47
C LYS A 144 -30.33 -9.11 11.02
N LEU A 145 -31.29 -9.16 10.11
CA LEU A 145 -31.03 -8.86 8.70
C LEU A 145 -30.46 -7.45 8.55
N SER A 146 -31.00 -6.52 9.34
CA SER A 146 -30.55 -5.14 9.29
C SER A 146 -29.07 -5.03 9.61
N MET A 147 -28.59 -5.90 10.51
CA MET A 147 -27.19 -5.90 10.91
C MET A 147 -26.35 -6.61 9.86
N LEU A 148 -26.90 -7.67 9.27
CA LEU A 148 -26.19 -8.43 8.24
C LEU A 148 -25.89 -7.53 7.05
N ARG A 149 -26.88 -6.70 6.68
CA ARG A 149 -26.74 -5.78 5.54
C ARG A 149 -25.68 -4.77 5.82
N ASN A 150 -25.80 -4.11 6.97
CA ASN A 150 -24.78 -3.12 7.33
C ASN A 150 -23.37 -3.69 7.46
N ALA A 151 -23.24 -4.83 8.10
CA ALA A 151 -21.92 -5.39 8.29
C ALA A 151 -21.33 -5.85 6.96
N THR A 152 -22.16 -6.42 6.08
CA THR A 152 -21.63 -6.88 4.81
C THR A 152 -21.16 -5.71 3.95
N TRP A 153 -21.97 -4.65 3.91
CA TRP A 153 -21.55 -3.41 3.23
C TRP A 153 -20.23 -2.86 3.78
N THR A 154 -20.12 -2.76 5.08
CA THR A 154 -18.89 -2.27 5.68
C THR A 154 -17.71 -3.17 5.33
N LEU A 155 -17.96 -4.45 5.38
CA LEU A 155 -16.93 -5.40 5.02
C LEU A 155 -16.44 -5.15 3.62
N SER A 156 -17.38 -4.91 2.70
CA SER A 156 -16.98 -4.70 1.31
C SER A 156 -16.10 -3.44 1.17
N ASN A 157 -16.39 -2.41 1.97
CA ASN A 157 -15.53 -1.22 1.99
C ASN A 157 -14.15 -1.44 2.60
N PHE A 158 -14.07 -2.34 3.57
CA PHE A 158 -12.79 -2.74 4.14
C PHE A 158 -11.95 -3.43 3.05
N CYS A 159 -12.58 -4.08 2.06
CA CYS A 159 -11.86 -4.81 1.00
C CYS A 159 -11.61 -3.99 -0.29
N ARG A 160 -12.31 -2.89 -0.43
CA ARG A 160 -12.36 -2.12 -1.65
C ARG A 160 -11.16 -1.20 -1.83
N GLY A 161 -10.83 -0.90 -3.07
CA GLY A 161 -9.93 0.21 -3.36
C GLY A 161 -8.57 -0.21 -3.86
N LYS A 162 -7.97 0.63 -4.71
CA LYS A 162 -6.63 0.44 -5.14
C LYS A 162 -5.79 1.59 -4.61
N PRO A 163 -4.64 1.27 -4.03
CA PRO A 163 -4.12 -0.11 -3.95
C PRO A 163 -4.89 -0.93 -2.96
N GLN A 164 -4.89 -2.25 -3.16
CA GLN A 164 -5.65 -3.18 -2.35
C GLN A 164 -5.10 -3.19 -0.96
N PRO A 165 -5.95 -3.52 0.01
CA PRO A 165 -5.44 -3.72 1.36
C PRO A 165 -4.59 -4.97 1.35
N SER A 166 -3.74 -5.12 2.37
CA SER A 166 -2.92 -6.32 2.53
C SER A 166 -3.83 -7.51 2.58
N PHE A 167 -3.44 -8.61 1.96
CA PHE A 167 -4.21 -9.83 2.07
C PHE A 167 -4.21 -10.33 3.53
N GLU A 168 -3.11 -10.15 4.25
CA GLU A 168 -3.09 -10.54 5.66
C GLU A 168 -4.14 -9.72 6.43
N GLN A 169 -4.32 -8.46 6.07
CA GLN A 169 -5.32 -7.65 6.76
C GLN A 169 -6.78 -8.03 6.49
N THR A 170 -7.09 -8.60 5.34
CA THR A 170 -8.48 -8.89 5.06
C THR A 170 -8.85 -10.37 5.13
N ARG A 171 -7.85 -11.23 5.29
CA ARG A 171 -8.08 -12.66 5.27
C ARG A 171 -9.15 -13.14 6.24
N PRO A 172 -9.17 -12.59 7.48
CA PRO A 172 -10.22 -13.07 8.39
C PRO A 172 -11.61 -12.89 7.81
N ALA A 173 -11.79 -12.01 6.83
CA ALA A 173 -13.13 -11.83 6.30
C ALA A 173 -13.61 -12.99 5.46
N LEU A 174 -12.70 -13.82 4.94
CA LEU A 174 -13.11 -14.79 3.88
C LEU A 174 -14.18 -15.78 4.35
N PRO A 175 -13.96 -16.41 5.51
CA PRO A 175 -15.01 -17.33 6.00
C PRO A 175 -16.37 -16.66 6.22
N ALA A 176 -16.40 -15.43 6.75
CA ALA A 176 -17.68 -14.74 6.91
C ALA A 176 -18.33 -14.50 5.54
N LEU A 177 -17.54 -14.03 4.60
CA LEU A 177 -18.06 -13.76 3.25
C LEU A 177 -18.56 -15.04 2.60
N ALA A 178 -17.83 -16.14 2.79
CA ALA A 178 -18.26 -17.41 2.22
C ALA A 178 -19.63 -17.88 2.75
N ARG A 179 -19.95 -17.53 3.99
CA ARG A 179 -21.25 -17.82 4.58
C ARG A 179 -22.30 -16.83 4.07
N LEU A 180 -21.93 -15.56 4.03
CA LEU A 180 -22.86 -14.50 3.62
C LEU A 180 -23.35 -14.70 2.17
N ILE A 181 -22.55 -15.25 1.29
CA ILE A 181 -23.07 -15.42 -0.07
C ILE A 181 -24.13 -16.52 -0.16
N HIS A 182 -24.40 -17.24 0.94
CA HIS A 182 -25.55 -18.16 0.95
C HIS A 182 -26.87 -17.51 1.39
N SER A 183 -26.84 -16.21 1.68
CA SER A 183 -28.05 -15.48 1.97
C SER A 183 -28.89 -15.50 0.72
N ASN A 184 -30.20 -15.33 0.84
CA ASN A 184 -31.07 -15.03 -0.31
C ASN A 184 -31.38 -13.53 -0.38
N ASP A 185 -30.90 -12.75 0.58
CA ASP A 185 -31.16 -11.30 0.56
C ASP A 185 -30.31 -10.60 -0.49
N GLU A 186 -30.96 -9.82 -1.36
CA GLU A 186 -30.22 -9.25 -2.48
C GLU A 186 -29.16 -8.28 -2.03
N GLU A 187 -29.47 -7.50 -1.01
CA GLU A 187 -28.47 -6.50 -0.58
C GLU A 187 -27.21 -7.16 -0.02
N VAL A 188 -27.39 -8.14 0.85
CA VAL A 188 -26.29 -8.89 1.42
C VAL A 188 -25.51 -9.59 0.33
N LEU A 189 -26.22 -10.20 -0.61
CA LEU A 189 -25.57 -10.82 -1.73
C LEU A 189 -24.75 -9.84 -2.53
N THR A 190 -25.31 -8.66 -2.79
CA THR A 190 -24.64 -7.70 -3.64
C THR A 190 -23.31 -7.33 -3.00
N ASP A 191 -23.35 -6.97 -1.72
CA ASP A 191 -22.16 -6.48 -1.05
C ASP A 191 -21.13 -7.60 -0.82
N ALA A 192 -21.58 -8.79 -0.48
CA ALA A 192 -20.64 -9.90 -0.26
C ALA A 192 -19.91 -10.21 -1.55
N CYS A 193 -20.65 -10.16 -2.66
CA CYS A 193 -20.06 -10.45 -3.96
C CYS A 193 -19.06 -9.37 -4.37
N TRP A 194 -19.38 -8.09 -4.17
CA TRP A 194 -18.37 -7.06 -4.40
C TRP A 194 -17.11 -7.35 -3.60
N ALA A 195 -17.30 -7.69 -2.33
CA ALA A 195 -16.15 -7.89 -1.45
C ALA A 195 -15.26 -9.01 -2.01
N LEU A 196 -15.88 -10.14 -2.39
CA LEU A 196 -15.14 -11.25 -2.96
C LEU A 196 -14.48 -10.84 -4.27
N SER A 197 -15.12 -9.94 -5.01
CA SER A 197 -14.53 -9.49 -6.28
C SER A 197 -13.26 -8.71 -6.03
N TYR A 198 -13.20 -7.99 -4.93
CA TYR A 198 -12.01 -7.23 -4.57
C TYR A 198 -10.92 -8.18 -4.07
N LEU A 199 -11.27 -9.11 -3.20
CA LEU A 199 -10.27 -10.01 -2.60
C LEU A 199 -9.66 -10.98 -3.61
N SER A 200 -10.42 -11.32 -4.64
CA SER A 200 -9.94 -12.23 -5.68
C SER A 200 -9.21 -11.49 -6.81
N ASP A 201 -9.16 -10.17 -6.76
CA ASP A 201 -8.46 -9.41 -7.80
C ASP A 201 -6.98 -9.31 -7.43
N GLY A 202 -6.12 -10.11 -8.06
CA GLY A 202 -4.69 -10.04 -7.78
C GLY A 202 -3.95 -11.32 -8.14
N THR A 203 -2.87 -11.60 -7.43
CA THR A 203 -2.04 -12.73 -7.78
C THR A 203 -2.71 -14.07 -7.40
N ASN A 204 -2.13 -15.17 -7.88
CA ASN A 204 -2.75 -16.48 -7.71
C ASN A 204 -2.87 -16.92 -6.24
N ASP A 205 -2.00 -16.43 -5.34
CA ASP A 205 -2.18 -16.71 -3.91
C ASP A 205 -3.51 -16.13 -3.34
N LYS A 206 -3.89 -14.94 -3.78
CA LYS A 206 -5.17 -14.39 -3.36
C LYS A 206 -6.31 -15.27 -3.88
N ILE A 207 -6.25 -15.62 -5.15
CA ILE A 207 -7.26 -16.46 -5.75
C ILE A 207 -7.34 -17.79 -5.02
N GLN A 208 -6.18 -18.35 -4.64
CA GLN A 208 -6.13 -19.62 -3.91
C GLN A 208 -6.90 -19.56 -2.59
N ALA A 209 -6.69 -18.50 -1.83
CA ALA A 209 -7.40 -18.34 -0.55
C ALA A 209 -8.89 -18.22 -0.78
N VAL A 210 -9.29 -17.51 -1.82
CA VAL A 210 -10.74 -17.35 -2.08
C VAL A 210 -11.34 -18.71 -2.42
N ILE A 211 -10.68 -19.43 -3.31
CA ILE A 211 -11.15 -20.76 -3.64
C ILE A 211 -11.20 -21.68 -2.43
N GLU A 212 -10.21 -21.61 -1.57
CA GLU A 212 -10.16 -22.48 -0.41
C GLU A 212 -11.22 -22.16 0.58
N ALA A 213 -11.79 -20.96 0.48
CA ALA A 213 -12.90 -20.57 1.36
C ALA A 213 -14.19 -21.27 0.94
N GLY A 214 -14.19 -21.91 -0.24
CA GLY A 214 -15.27 -22.79 -0.63
C GLY A 214 -16.39 -22.10 -1.44
N VAL A 215 -16.10 -20.91 -1.96
CA VAL A 215 -17.15 -20.08 -2.58
C VAL A 215 -17.54 -20.42 -4.01
N CYS A 216 -16.78 -21.27 -4.70
CA CYS A 216 -16.93 -21.39 -6.16
C CYS A 216 -18.32 -21.87 -6.55
N PRO A 217 -18.84 -22.91 -5.88
CA PRO A 217 -20.16 -23.44 -6.29
C PRO A 217 -21.26 -22.39 -6.18
N ARG A 218 -21.28 -21.69 -5.06
CA ARG A 218 -22.26 -20.66 -4.87
C ARG A 218 -22.05 -19.45 -5.81
N LEU A 219 -20.80 -19.07 -6.09
CA LEU A 219 -20.57 -17.94 -7.00
C LEU A 219 -21.17 -18.28 -8.36
N VAL A 220 -21.01 -19.53 -8.75
CA VAL A 220 -21.51 -19.95 -10.05
C VAL A 220 -23.04 -19.95 -10.08
N GLU A 221 -23.69 -20.38 -9.00
CA GLU A 221 -25.16 -20.27 -8.89
C GLU A 221 -25.61 -18.81 -9.09
N LEU A 222 -24.85 -17.86 -8.54
CA LEU A 222 -25.24 -16.45 -8.56
C LEU A 222 -25.06 -15.81 -9.93
N LEU A 223 -24.38 -16.50 -10.85
CA LEU A 223 -24.33 -16.08 -12.26
C LEU A 223 -25.74 -16.10 -12.86
N LEU A 224 -26.63 -16.87 -12.27
CA LEU A 224 -27.99 -16.95 -12.77
C LEU A 224 -28.93 -16.08 -11.97
N HIS A 225 -28.41 -15.31 -11.02
CA HIS A 225 -29.28 -14.43 -10.26
C HIS A 225 -29.93 -13.44 -11.21
N PRO A 226 -31.24 -13.25 -11.06
CA PRO A 226 -31.95 -12.36 -12.00
C PRO A 226 -31.62 -10.87 -11.83
N SER A 227 -31.20 -10.47 -10.64
CA SER A 227 -30.76 -9.10 -10.42
C SER A 227 -29.35 -8.78 -10.88
N PRO A 228 -29.23 -7.80 -11.79
CA PRO A 228 -27.91 -7.35 -12.22
C PRO A 228 -27.04 -6.89 -11.05
N SER A 229 -27.65 -6.35 -9.99
CA SER A 229 -26.88 -5.96 -8.82
C SER A 229 -26.08 -7.12 -8.20
N VAL A 230 -26.58 -8.34 -8.33
CA VAL A 230 -25.88 -9.53 -7.82
C VAL A 230 -25.02 -10.17 -8.89
N LEU A 231 -25.61 -10.31 -10.08
CA LEU A 231 -24.94 -10.97 -11.17
C LEU A 231 -23.59 -10.32 -11.48
N ILE A 232 -23.56 -9.00 -11.54
CA ILE A 232 -22.35 -8.29 -11.97
C ILE A 232 -21.15 -8.59 -11.07
N PRO A 233 -21.26 -8.39 -9.73
CA PRO A 233 -20.07 -8.72 -8.92
C PRO A 233 -19.82 -10.22 -8.85
N ALA A 234 -20.86 -11.05 -8.92
CA ALA A 234 -20.60 -12.49 -8.90
C ALA A 234 -19.77 -12.80 -10.15
N LEU A 235 -20.23 -12.28 -11.29
CA LEU A 235 -19.53 -12.54 -12.55
C LEU A 235 -18.10 -11.99 -12.48
N ARG A 236 -17.92 -10.81 -11.90
CA ARG A 236 -16.56 -10.29 -11.78
C ARG A 236 -15.68 -11.21 -10.97
N THR A 237 -16.23 -11.81 -9.92
CA THR A 237 -15.40 -12.66 -9.09
C THR A 237 -15.04 -13.94 -9.85
N VAL A 238 -16.01 -14.48 -10.55
CA VAL A 238 -15.78 -15.68 -11.34
C VAL A 238 -14.73 -15.37 -12.38
N GLY A 239 -14.84 -14.22 -13.04
CA GLY A 239 -13.83 -13.78 -13.98
C GLY A 239 -12.45 -13.68 -13.36
N ASN A 240 -12.37 -13.18 -12.13
CA ASN A 240 -11.08 -13.02 -11.48
C ASN A 240 -10.43 -14.38 -11.20
N ILE A 241 -11.22 -15.33 -10.73
CA ILE A 241 -10.69 -16.62 -10.37
C ILE A 241 -10.09 -17.32 -11.62
N VAL A 242 -10.75 -17.25 -12.77
CA VAL A 242 -10.18 -17.91 -13.97
C VAL A 242 -9.02 -17.16 -14.65
N THR A 243 -8.57 -16.03 -14.08
CA THR A 243 -7.27 -15.49 -14.45
C THR A 243 -6.19 -16.33 -13.82
N GLY A 244 -6.58 -17.24 -12.91
CA GLY A 244 -5.60 -18.02 -12.19
C GLY A 244 -5.10 -19.22 -12.98
N ASP A 245 -4.38 -20.13 -12.31
CA ASP A 245 -3.79 -21.26 -13.04
C ASP A 245 -4.86 -22.27 -13.47
N ASP A 246 -4.43 -23.30 -14.19
CA ASP A 246 -5.35 -24.31 -14.72
C ASP A 246 -6.18 -25.02 -13.61
N ALA A 247 -5.55 -25.40 -12.51
CA ALA A 247 -6.28 -26.08 -11.42
C ALA A 247 -7.30 -25.14 -10.76
N GLN A 248 -6.92 -23.88 -10.60
CA GLN A 248 -7.82 -22.88 -10.04
C GLN A 248 -8.98 -22.63 -10.98
N THR A 249 -8.70 -22.61 -12.28
CA THR A 249 -9.74 -22.39 -13.27
C THR A 249 -10.71 -23.56 -13.27
N GLN A 250 -10.17 -24.77 -13.11
CA GLN A 250 -10.96 -26.00 -13.03
C GLN A 250 -11.97 -25.98 -11.88
N CYS A 251 -11.65 -25.33 -10.76
CA CYS A 251 -12.64 -25.20 -9.66
C CYS A 251 -13.94 -24.46 -10.10
N ILE A 252 -13.83 -23.57 -11.08
CA ILE A 252 -15.01 -22.89 -11.61
C ILE A 252 -15.71 -23.79 -12.62
N ILE A 253 -14.95 -24.40 -13.52
CA ILE A 253 -15.51 -25.23 -14.58
C ILE A 253 -16.29 -26.42 -14.03
N ASP A 254 -15.78 -27.00 -12.95
CA ASP A 254 -16.38 -28.17 -12.30
C ASP A 254 -17.79 -27.93 -11.74
N HIS A 255 -18.20 -26.68 -11.63
CA HIS A 255 -19.55 -26.36 -11.15
C HIS A 255 -20.49 -25.77 -12.21
N GLN A 256 -20.35 -26.27 -13.43
CA GLN A 256 -21.24 -25.93 -14.54
C GLN A 256 -21.27 -24.42 -14.83
N ALA A 257 -20.14 -23.74 -14.65
CA ALA A 257 -20.03 -22.34 -15.01
C ALA A 257 -20.23 -22.09 -16.48
N LEU A 258 -19.72 -22.99 -17.31
CA LEU A 258 -19.72 -22.75 -18.76
C LEU A 258 -21.15 -22.67 -19.32
N PRO A 259 -22.03 -23.64 -18.99
CA PRO A 259 -23.45 -23.46 -19.37
C PRO A 259 -24.09 -22.16 -18.79
N CYS A 260 -23.70 -21.75 -17.60
CA CYS A 260 -24.17 -20.47 -17.05
C CYS A 260 -23.66 -19.26 -17.88
N LEU A 261 -22.36 -19.23 -18.18
CA LEU A 261 -21.78 -18.12 -18.91
C LEU A 261 -22.40 -18.03 -20.33
N LEU A 262 -22.64 -19.18 -20.94
CA LEU A 262 -23.30 -19.21 -22.23
C LEU A 262 -24.66 -18.58 -22.17
N SER A 263 -25.42 -18.85 -21.10
CA SER A 263 -26.76 -18.32 -21.02
C SER A 263 -26.67 -16.78 -20.89
N LEU A 264 -25.56 -16.24 -20.39
CA LEU A 264 -25.42 -14.78 -20.30
C LEU A 264 -25.20 -14.15 -21.70
N LEU A 265 -24.54 -14.87 -22.59
CA LEU A 265 -24.34 -14.43 -23.97
C LEU A 265 -25.61 -14.49 -24.78
N THR A 266 -26.55 -15.36 -24.41
CA THR A 266 -27.74 -15.59 -25.25
C THR A 266 -29.00 -14.91 -24.74
N GLN A 267 -28.98 -14.47 -23.48
CA GLN A 267 -30.04 -13.63 -22.98
C GLN A 267 -29.84 -12.20 -23.48
N ASN A 268 -30.89 -11.40 -23.37
CA ASN A 268 -30.85 -10.02 -23.83
C ASN A 268 -30.31 -9.10 -22.76
N LEU A 269 -29.02 -9.23 -22.49
CA LEU A 269 -28.37 -8.53 -21.39
C LEU A 269 -27.49 -7.38 -21.90
N LYS A 270 -27.22 -6.42 -21.02
CA LYS A 270 -26.34 -5.27 -21.29
C LYS A 270 -25.01 -5.71 -21.87
N LYS A 271 -24.48 -4.87 -22.75
CA LYS A 271 -23.19 -5.12 -23.40
C LYS A 271 -22.06 -5.41 -22.43
N SER A 272 -21.97 -4.62 -21.36
CA SER A 272 -20.88 -4.79 -20.43
C SER A 272 -20.91 -6.16 -19.73
N ILE A 273 -22.10 -6.70 -19.49
CA ILE A 273 -22.19 -8.04 -18.95
C ILE A 273 -21.69 -9.06 -19.99
N LYS A 274 -22.12 -8.94 -21.25
CA LYS A 274 -21.69 -9.91 -22.25
C LYS A 274 -20.18 -9.82 -22.46
N LYS A 275 -19.64 -8.60 -22.43
CA LYS A 275 -18.21 -8.40 -22.56
C LYS A 275 -17.44 -9.09 -21.43
N GLU A 276 -17.89 -8.89 -20.19
CA GLU A 276 -17.33 -9.58 -19.03
C GLU A 276 -17.39 -11.10 -19.22
N ALA A 277 -18.51 -11.60 -19.71
CA ALA A 277 -18.63 -13.05 -19.86
C ALA A 277 -17.69 -13.60 -20.94
N CYS A 278 -17.55 -12.88 -22.05
CA CYS A 278 -16.59 -13.26 -23.08
C CYS A 278 -15.16 -13.21 -22.62
N TRP A 279 -14.81 -12.19 -21.83
CA TRP A 279 -13.47 -12.11 -21.25
C TRP A 279 -13.22 -13.33 -20.35
N THR A 280 -14.19 -13.64 -19.51
CA THR A 280 -14.06 -14.81 -18.64
C THR A 280 -13.88 -16.09 -19.48
N ILE A 281 -14.70 -16.23 -20.47
CA ILE A 281 -14.57 -17.42 -21.32
C ILE A 281 -13.19 -17.45 -21.99
N SER A 282 -12.69 -16.27 -22.36
CA SER A 282 -11.40 -16.18 -23.02
C SER A 282 -10.31 -16.71 -22.09
N ASN A 283 -10.43 -16.45 -20.79
CA ASN A 283 -9.40 -16.90 -19.86
C ASN A 283 -9.55 -18.38 -19.60
N ILE A 284 -10.70 -18.93 -19.99
CA ILE A 284 -10.91 -20.37 -19.88
C ILE A 284 -10.35 -21.09 -21.10
N THR A 285 -10.57 -20.54 -22.30
CA THR A 285 -9.98 -21.14 -23.49
C THR A 285 -8.48 -20.89 -23.57
N ALA A 286 -7.97 -20.07 -22.65
CA ALA A 286 -6.52 -19.92 -22.53
C ALA A 286 -5.93 -21.06 -21.70
N GLY A 287 -6.79 -21.98 -21.24
CA GLY A 287 -6.40 -23.05 -20.33
C GLY A 287 -5.93 -24.25 -21.13
N ASN A 288 -6.00 -25.44 -20.52
CA ASN A 288 -5.55 -26.67 -21.19
C ASN A 288 -6.60 -27.26 -22.16
N LYS A 289 -6.23 -28.32 -22.86
CA LYS A 289 -7.13 -28.94 -23.85
C LYS A 289 -8.44 -29.44 -23.25
N ASP A 290 -8.42 -30.00 -22.05
CA ASP A 290 -9.67 -30.39 -21.40
C ASP A 290 -10.59 -29.18 -21.14
N GLN A 291 -10.01 -28.05 -20.77
CA GLN A 291 -10.81 -26.88 -20.53
C GLN A 291 -11.39 -26.31 -21.83
N ILE A 292 -10.60 -26.35 -22.89
CA ILE A 292 -11.13 -26.02 -24.21
C ILE A 292 -12.24 -26.99 -24.56
N GLN A 293 -12.06 -28.28 -24.28
CA GLN A 293 -13.10 -29.22 -24.61
C GLN A 293 -14.37 -28.93 -23.85
N ALA A 294 -14.27 -28.52 -22.58
CA ALA A 294 -15.46 -28.12 -21.78
C ALA A 294 -16.21 -26.94 -22.39
N VAL A 295 -15.48 -25.98 -22.92
CA VAL A 295 -16.11 -24.86 -23.63
C VAL A 295 -16.86 -25.36 -24.87
N ILE A 296 -16.24 -26.28 -25.62
CA ILE A 296 -16.89 -26.86 -26.76
C ILE A 296 -18.17 -27.62 -26.35
N ASN A 297 -18.04 -28.44 -25.34
CA ASN A 297 -19.10 -29.35 -24.96
C ASN A 297 -20.33 -28.55 -24.47
N ALA A 298 -20.08 -27.41 -23.86
CA ALA A 298 -21.15 -26.56 -23.37
C ALA A 298 -21.96 -25.92 -24.49
N GLY A 299 -21.41 -25.92 -25.72
CA GLY A 299 -22.07 -25.36 -26.87
C GLY A 299 -21.72 -23.87 -27.04
N ILE A 300 -20.59 -23.45 -26.50
CA ILE A 300 -20.25 -22.04 -26.54
C ILE A 300 -19.70 -21.53 -27.89
N ILE A 301 -19.07 -22.38 -28.69
CA ILE A 301 -18.32 -21.87 -29.85
C ILE A 301 -19.22 -21.22 -30.91
N GLY A 302 -20.34 -21.86 -31.24
CA GLY A 302 -21.27 -21.26 -32.19
C GLY A 302 -21.68 -19.84 -31.82
N PRO A 303 -22.25 -19.65 -30.62
CA PRO A 303 -22.61 -18.30 -30.17
C PRO A 303 -21.42 -17.33 -30.15
N LEU A 304 -20.25 -17.86 -29.82
CA LEU A 304 -19.09 -17.07 -29.66
C LEU A 304 -18.66 -16.56 -31.03
N VAL A 305 -18.73 -17.42 -32.03
CA VAL A 305 -18.37 -17.05 -33.43
C VAL A 305 -19.33 -16.02 -33.99
N ASN A 306 -20.61 -16.16 -33.67
CA ASN A 306 -21.62 -15.17 -34.07
C ASN A 306 -21.31 -13.80 -33.45
N LEU A 307 -20.92 -13.78 -32.17
CA LEU A 307 -20.55 -12.53 -31.53
C LEU A 307 -19.33 -11.91 -32.25
N LEU A 308 -18.34 -12.77 -32.52
CA LEU A 308 -17.12 -12.32 -33.16
C LEU A 308 -17.45 -11.66 -34.49
N GLN A 309 -18.48 -12.15 -35.13
CA GLN A 309 -18.86 -11.65 -36.44
C GLN A 309 -19.71 -10.38 -36.38
N THR A 310 -20.60 -10.27 -35.38
CA THR A 310 -21.70 -9.29 -35.45
C THR A 310 -21.87 -8.39 -34.22
N ALA A 311 -21.19 -8.69 -33.13
CA ALA A 311 -21.42 -7.94 -31.90
C ALA A 311 -20.81 -6.55 -31.96
N GLU A 312 -21.11 -5.76 -30.95
CA GLU A 312 -20.47 -4.46 -30.79
C GLU A 312 -18.97 -4.70 -30.55
N PHE A 313 -18.14 -3.78 -31.01
CA PHE A 313 -16.70 -3.99 -31.03
C PHE A 313 -16.13 -4.40 -29.67
N ASP A 314 -16.63 -3.85 -28.57
CA ASP A 314 -16.12 -4.23 -27.26
C ASP A 314 -16.27 -5.73 -26.94
N ILE A 315 -17.36 -6.32 -27.42
CA ILE A 315 -17.60 -7.75 -27.24
C ILE A 315 -16.75 -8.53 -28.25
N LYS A 316 -16.75 -8.09 -29.52
CA LYS A 316 -15.95 -8.74 -30.56
C LYS A 316 -14.51 -8.94 -30.13
N LYS A 317 -13.93 -7.91 -29.53
CA LYS A 317 -12.56 -7.96 -29.05
C LYS A 317 -12.35 -9.13 -28.08
N GLU A 318 -13.25 -9.31 -27.12
CA GLU A 318 -13.11 -10.42 -26.20
C GLU A 318 -13.41 -11.76 -26.92
N ALA A 319 -14.34 -11.79 -27.84
CA ALA A 319 -14.59 -13.03 -28.55
C ALA A 319 -13.33 -13.42 -29.35
N ALA A 320 -12.62 -12.42 -29.87
CA ALA A 320 -11.42 -12.70 -30.65
C ALA A 320 -10.35 -13.39 -29.84
N TRP A 321 -10.07 -12.86 -28.65
CA TRP A 321 -9.12 -13.48 -27.75
C TRP A 321 -9.60 -14.88 -27.41
N ALA A 322 -10.89 -15.01 -27.18
CA ALA A 322 -11.44 -16.30 -26.80
C ALA A 322 -11.23 -17.41 -27.88
N ILE A 323 -11.53 -17.07 -29.12
CA ILE A 323 -11.34 -17.99 -30.22
C ILE A 323 -9.85 -18.17 -30.49
N SER A 324 -9.08 -17.08 -30.46
CA SER A 324 -7.66 -17.18 -30.75
C SER A 324 -6.93 -18.05 -29.71
N ASN A 325 -7.26 -17.87 -28.42
CA ASN A 325 -6.68 -18.68 -27.33
C ASN A 325 -6.97 -20.15 -27.55
N ALA A 326 -8.21 -20.46 -27.94
CA ALA A 326 -8.58 -21.84 -28.23
C ALA A 326 -7.72 -22.42 -29.38
N THR A 327 -7.39 -21.62 -30.40
CA THR A 327 -6.59 -22.14 -31.51
C THR A 327 -5.16 -22.33 -31.05
N SER A 328 -4.77 -21.60 -30.01
CA SER A 328 -3.41 -21.66 -29.54
C SER A 328 -3.18 -22.88 -28.67
N GLY A 329 -4.13 -23.19 -27.78
CA GLY A 329 -3.97 -24.31 -26.86
C GLY A 329 -4.69 -25.58 -27.32
N GLY A 330 -5.49 -25.48 -28.37
CA GLY A 330 -6.37 -26.58 -28.72
C GLY A 330 -5.65 -27.67 -29.48
N SER A 331 -6.26 -28.84 -29.51
CA SER A 331 -5.73 -29.91 -30.35
C SER A 331 -6.13 -29.70 -31.82
N HIS A 332 -5.54 -30.50 -32.67
CA HIS A 332 -5.87 -30.50 -34.10
C HIS A 332 -7.38 -30.63 -34.35
N ASP A 333 -8.05 -31.56 -33.65
CA ASP A 333 -9.46 -31.75 -33.92
C ASP A 333 -10.32 -30.60 -33.33
N GLN A 334 -9.90 -30.06 -32.19
CA GLN A 334 -10.59 -28.93 -31.60
C GLN A 334 -10.50 -27.74 -32.57
N ILE A 335 -9.32 -27.49 -33.10
CA ILE A 335 -9.16 -26.42 -34.08
C ILE A 335 -10.04 -26.66 -35.33
N LYS A 336 -10.14 -27.89 -35.81
CA LYS A 336 -11.00 -28.17 -36.95
C LYS A 336 -12.44 -27.92 -36.59
N TYR A 337 -12.79 -28.17 -35.33
CA TYR A 337 -14.15 -27.92 -34.90
C TYR A 337 -14.45 -26.39 -34.92
N LEU A 338 -13.53 -25.56 -34.45
CA LEU A 338 -13.71 -24.11 -34.52
C LEU A 338 -13.89 -23.64 -36.00
N VAL A 339 -13.18 -24.28 -36.91
CA VAL A 339 -13.29 -23.90 -38.31
C VAL A 339 -14.65 -24.32 -38.85
N SER A 340 -15.10 -25.53 -38.47
CA SER A 340 -16.39 -26.04 -38.95
C SER A 340 -17.54 -25.20 -38.38
N GLU A 341 -17.32 -24.56 -37.24
CA GLU A 341 -18.31 -23.61 -36.68
C GLU A 341 -18.23 -22.20 -37.30
N GLY A 342 -17.35 -22.01 -38.29
CA GLY A 342 -17.30 -20.80 -39.08
C GLY A 342 -16.37 -19.70 -38.57
N CYS A 343 -15.35 -20.04 -37.77
CA CYS A 343 -14.53 -18.97 -37.19
C CYS A 343 -13.59 -18.21 -38.18
N ILE A 344 -13.31 -18.75 -39.37
CA ILE A 344 -12.28 -18.15 -40.22
C ILE A 344 -12.71 -16.79 -40.74
N LYS A 345 -13.88 -16.71 -41.32
CA LYS A 345 -14.40 -15.44 -41.81
C LYS A 345 -14.31 -14.28 -40.79
N PRO A 346 -14.93 -14.40 -39.61
CA PRO A 346 -14.87 -13.31 -38.64
C PRO A 346 -13.44 -12.96 -38.19
N LEU A 347 -12.57 -13.95 -38.11
CA LEU A 347 -11.16 -13.67 -37.79
C LEU A 347 -10.55 -12.83 -38.93
N CYS A 348 -10.83 -13.20 -40.17
CA CYS A 348 -10.34 -12.41 -41.30
C CYS A 348 -10.91 -10.99 -41.27
N ASP A 349 -12.21 -10.86 -40.97
CA ASP A 349 -12.85 -9.55 -41.03
C ASP A 349 -12.20 -8.56 -40.07
N LEU A 350 -11.66 -9.05 -38.96
CA LEU A 350 -11.05 -8.17 -37.98
C LEU A 350 -9.60 -7.79 -38.28
N LEU A 351 -9.04 -8.28 -39.38
CA LEU A 351 -7.68 -7.92 -39.72
C LEU A 351 -7.56 -6.43 -40.09
N ILE A 352 -8.67 -5.75 -40.30
CA ILE A 352 -8.64 -4.35 -40.65
C ILE A 352 -9.13 -3.43 -39.53
N CYS A 353 -9.33 -3.97 -38.34
CA CYS A 353 -9.80 -3.14 -37.27
C CYS A 353 -8.67 -2.27 -36.72
N PRO A 354 -9.01 -1.11 -36.18
CA PRO A 354 -8.00 -0.14 -35.77
C PRO A 354 -7.16 -0.54 -34.56
N ASP A 355 -7.55 -1.59 -33.85
CA ASP A 355 -6.80 -2.05 -32.69
C ASP A 355 -5.73 -3.06 -33.08
N ILE A 356 -4.46 -2.72 -32.89
CA ILE A 356 -3.38 -3.59 -33.33
C ILE A 356 -3.26 -4.85 -32.50
N ARG A 357 -3.67 -4.79 -31.23
CA ARG A 357 -3.60 -5.97 -30.41
C ARG A 357 -4.54 -7.01 -30.97
N ILE A 358 -5.70 -6.58 -31.41
CA ILE A 358 -6.70 -7.48 -31.95
C ILE A 358 -6.29 -7.98 -33.32
N VAL A 359 -5.63 -7.16 -34.12
CA VAL A 359 -5.19 -7.61 -35.41
C VAL A 359 -4.21 -8.73 -35.17
N THR A 360 -3.32 -8.55 -34.19
CA THR A 360 -2.30 -9.52 -33.93
C THR A 360 -2.95 -10.85 -33.45
N VAL A 361 -3.93 -10.76 -32.58
CA VAL A 361 -4.59 -11.94 -32.04
C VAL A 361 -5.36 -12.71 -33.14
N CYS A 362 -5.98 -12.00 -34.05
CA CYS A 362 -6.65 -12.65 -35.16
C CYS A 362 -5.63 -13.31 -36.08
N LEU A 363 -4.53 -12.62 -36.33
CA LEU A 363 -3.53 -13.17 -37.21
C LEU A 363 -2.95 -14.46 -36.67
N GLU A 364 -2.64 -14.45 -35.39
CA GLU A 364 -2.13 -15.63 -34.69
C GLU A 364 -3.12 -16.79 -34.77
N GLY A 365 -4.41 -16.50 -34.59
CA GLY A 365 -5.42 -17.55 -34.70
C GLY A 365 -5.44 -18.13 -36.12
N LEU A 366 -5.35 -17.27 -37.12
CA LEU A 366 -5.36 -17.74 -38.49
C LEU A 366 -4.10 -18.55 -38.76
N GLU A 367 -2.98 -18.13 -38.18
CA GLU A 367 -1.76 -18.91 -38.36
C GLU A 367 -1.87 -20.31 -37.75
N ASN A 368 -2.50 -20.41 -36.58
CA ASN A 368 -2.64 -21.71 -35.95
C ASN A 368 -3.53 -22.60 -36.78
N ILE A 369 -4.54 -22.01 -37.39
CA ILE A 369 -5.46 -22.75 -38.23
C ILE A 369 -4.72 -23.25 -39.48
N LEU A 370 -3.90 -22.38 -40.03
CA LEU A 370 -3.16 -22.73 -41.24
C LEU A 370 -2.26 -23.91 -41.00
N LYS A 371 -1.62 -23.96 -39.84
CA LYS A 371 -0.71 -25.06 -39.52
C LYS A 371 -1.47 -26.36 -39.55
N VAL A 372 -2.68 -26.33 -38.99
CA VAL A 372 -3.48 -27.53 -38.94
C VAL A 372 -3.86 -27.98 -40.34
N GLY A 373 -4.26 -27.03 -41.17
CA GLY A 373 -4.61 -27.32 -42.55
C GLY A 373 -3.45 -27.92 -43.32
N GLU A 374 -2.25 -27.51 -42.96
CA GLU A 374 -1.04 -27.94 -43.64
C GLU A 374 -0.70 -29.37 -43.21
N THR A 375 -0.97 -29.68 -41.94
CA THR A 375 -0.78 -31.03 -41.44
C THR A 375 -1.75 -31.99 -42.17
N ASP A 376 -3.00 -31.57 -42.36
CA ASP A 376 -3.96 -32.37 -43.15
C ASP A 376 -3.49 -32.56 -44.57
N LYS A 377 -2.88 -31.52 -45.14
CA LYS A 377 -2.37 -31.59 -46.50
C LYS A 377 -1.34 -32.69 -46.55
N THR A 378 -0.38 -32.64 -45.64
CA THR A 378 0.70 -33.61 -45.63
C THR A 378 0.16 -35.04 -45.48
N LEU A 379 -0.73 -35.25 -44.52
CA LEU A 379 -1.27 -36.58 -44.21
C LEU A 379 -2.10 -37.20 -45.33
N ALA A 380 -2.65 -36.37 -46.22
CA ALA A 380 -3.42 -36.86 -47.35
C ALA A 380 -2.61 -36.73 -48.63
N ALA A 381 -1.32 -36.44 -48.49
CA ALA A 381 -0.45 -36.16 -49.63
C ALA A 381 -1.12 -35.22 -50.62
N GLY A 382 -1.86 -34.25 -50.09
CA GLY A 382 -2.71 -33.39 -50.90
C GLY A 382 -2.00 -32.25 -51.60
N ASP A 383 -2.73 -31.57 -52.47
CA ASP A 383 -2.18 -30.47 -53.23
C ASP A 383 -2.47 -29.13 -52.55
N VAL A 384 -3.56 -29.09 -51.79
CA VAL A 384 -3.97 -27.82 -51.24
C VAL A 384 -4.31 -27.86 -49.75
N ASN A 385 -3.82 -26.83 -49.07
CA ASN A 385 -4.22 -26.51 -47.70
C ASN A 385 -5.64 -25.96 -47.78
N VAL A 386 -6.59 -26.73 -47.23
CA VAL A 386 -7.99 -26.41 -47.35
C VAL A 386 -8.29 -25.10 -46.64
N PHE A 387 -7.58 -24.85 -45.55
CA PHE A 387 -7.90 -23.70 -44.72
C PHE A 387 -7.35 -22.44 -45.35
N SER A 388 -6.26 -22.55 -46.09
CA SER A 388 -5.75 -21.37 -46.81
C SER A 388 -6.70 -20.96 -47.95
N GLN A 389 -7.34 -21.95 -48.56
CA GLN A 389 -8.37 -21.73 -49.57
C GLN A 389 -9.51 -20.99 -48.94
N MET A 390 -9.89 -21.41 -47.74
CA MET A 390 -10.96 -20.77 -47.02
C MET A 390 -10.59 -19.34 -46.61
N ILE A 391 -9.36 -19.12 -46.19
CA ILE A 391 -8.98 -17.77 -45.81
C ILE A 391 -9.02 -16.89 -47.05
N ASP A 392 -8.67 -17.47 -48.18
CA ASP A 392 -8.66 -16.75 -49.47
C ASP A 392 -10.09 -16.37 -49.81
N GLU A 393 -11.01 -17.31 -49.66
CA GLU A 393 -12.42 -17.11 -50.00
C GLU A 393 -13.13 -16.11 -49.08
N ALA A 394 -12.66 -16.01 -47.84
CA ALA A 394 -13.23 -15.08 -46.90
C ALA A 394 -12.63 -13.68 -47.06
N GLU A 395 -11.86 -13.47 -48.13
CA GLU A 395 -11.13 -12.22 -48.40
C GLU A 395 -10.06 -11.90 -47.34
N GLY A 396 -9.68 -12.91 -46.56
CA GLY A 396 -8.58 -12.78 -45.61
C GLY A 396 -7.18 -12.71 -46.24
N LEU A 397 -6.98 -13.33 -47.40
CA LEU A 397 -5.66 -13.32 -48.04
C LEU A 397 -5.27 -11.90 -48.49
N GLU A 398 -6.18 -11.22 -49.18
CA GLU A 398 -5.90 -9.83 -49.58
C GLU A 398 -5.66 -8.93 -48.33
N LYS A 399 -6.39 -9.17 -47.25
CA LYS A 399 -6.15 -8.36 -46.04
C LYS A 399 -4.77 -8.62 -45.47
N ILE A 400 -4.34 -9.87 -45.47
CA ILE A 400 -3.00 -10.23 -45.01
C ILE A 400 -1.92 -9.60 -45.91
N GLU A 401 -2.14 -9.64 -47.21
CA GLU A 401 -1.25 -8.97 -48.16
C GLU A 401 -1.11 -7.48 -47.86
N ASN A 402 -2.20 -6.81 -47.48
CA ASN A 402 -2.11 -5.39 -47.15
C ASN A 402 -1.42 -5.15 -45.79
N LEU A 403 -1.41 -6.15 -44.92
CA LEU A 403 -0.70 -6.03 -43.65
C LEU A 403 0.80 -5.93 -43.89
N GLN A 404 1.27 -6.21 -45.09
CA GLN A 404 2.69 -5.97 -45.38
C GLN A 404 2.97 -4.48 -45.44
N SER A 405 1.92 -3.66 -45.43
CA SER A 405 2.08 -2.21 -45.42
C SER A 405 2.00 -1.64 -44.02
N HIS A 406 1.76 -2.49 -43.03
CA HIS A 406 1.42 -1.98 -41.71
C HIS A 406 2.66 -1.39 -41.02
N ASP A 407 2.46 -0.29 -40.27
CA ASP A 407 3.50 0.31 -39.43
C ASP A 407 4.14 -0.68 -38.49
N ASN A 408 3.28 -1.26 -37.65
CA ASN A 408 3.65 -2.23 -36.65
C ASN A 408 4.51 -3.37 -37.16
N ASN A 409 5.71 -3.50 -36.59
CA ASN A 409 6.67 -4.50 -37.04
C ASN A 409 6.25 -5.93 -36.80
N GLU A 410 5.66 -6.20 -35.64
CA GLU A 410 5.22 -7.56 -35.32
C GLU A 410 4.18 -8.02 -36.32
N ILE A 411 3.19 -7.18 -36.59
CA ILE A 411 2.17 -7.50 -37.59
C ILE A 411 2.79 -7.68 -38.97
N TYR A 412 3.65 -6.75 -39.37
CA TYR A 412 4.33 -6.86 -40.66
C TYR A 412 5.07 -8.18 -40.79
N GLU A 413 5.90 -8.50 -39.81
CA GLU A 413 6.71 -9.70 -39.90
C GLU A 413 5.84 -10.94 -39.86
N LYS A 414 4.78 -10.90 -39.07
CA LYS A 414 3.89 -12.03 -39.00
C LYS A 414 3.23 -12.29 -40.36
N ALA A 415 2.71 -11.23 -40.95
CA ALA A 415 2.08 -11.27 -42.27
C ALA A 415 3.03 -11.85 -43.33
N VAL A 416 4.28 -11.40 -43.32
CA VAL A 416 5.24 -11.87 -44.29
C VAL A 416 5.47 -13.36 -44.05
N LYS A 417 5.65 -13.72 -42.78
CA LYS A 417 5.89 -15.11 -42.40
C LYS A 417 4.75 -15.99 -42.90
N ILE A 418 3.51 -15.54 -42.67
CA ILE A 418 2.35 -16.30 -43.10
C ILE A 418 2.31 -16.42 -44.63
N LEU A 419 2.55 -15.32 -45.33
CA LEU A 419 2.49 -15.32 -46.78
C LEU A 419 3.53 -16.24 -47.38
N GLU A 420 4.73 -16.22 -46.82
CA GLU A 420 5.82 -17.05 -47.32
C GLU A 420 5.61 -18.54 -47.01
N ALA A 421 4.95 -18.83 -45.89
CA ALA A 421 4.74 -20.22 -45.48
C ALA A 421 3.59 -20.90 -46.24
N TYR A 422 2.52 -20.16 -46.55
CA TYR A 422 1.31 -20.78 -47.10
C TYR A 422 0.90 -20.25 -48.48
N TRP A 423 1.54 -19.18 -48.95
CA TRP A 423 1.27 -18.72 -50.31
C TRP A 423 2.56 -18.36 -51.05
N MET A 424 3.45 -19.32 -51.26
CA MET A 424 4.62 -19.07 -52.10
C MET A 424 4.61 -19.93 -53.34
N SER B 3 40.59 -22.92 -11.39
CA SER B 3 39.71 -22.36 -12.42
C SER B 3 39.96 -20.86 -12.66
N LEU B 4 40.52 -20.15 -11.70
CA LEU B 4 40.92 -18.77 -11.98
C LEU B 4 41.99 -18.77 -13.09
N PRO B 5 42.98 -19.66 -12.99
CA PRO B 5 43.96 -19.67 -14.09
C PRO B 5 43.29 -19.75 -15.47
N ALA B 6 42.28 -20.61 -15.64
CA ALA B 6 41.63 -20.78 -16.94
C ALA B 6 40.87 -19.52 -17.35
N MET B 7 40.19 -18.89 -16.40
CA MET B 7 39.44 -17.68 -16.69
C MET B 7 40.38 -16.54 -17.10
N ILE B 8 41.56 -16.44 -16.47
CA ILE B 8 42.51 -15.40 -16.87
C ILE B 8 42.96 -15.59 -18.33
N GLY B 9 43.19 -16.83 -18.75
CA GLY B 9 43.51 -17.12 -20.13
C GLY B 9 42.41 -16.63 -21.05
N GLY B 10 41.16 -16.86 -20.65
CA GLY B 10 40.02 -16.36 -21.39
C GLY B 10 40.00 -14.84 -21.49
N VAL B 11 40.01 -14.14 -20.34
CA VAL B 11 39.90 -12.68 -20.41
C VAL B 11 41.12 -12.00 -21.03
N TYR B 12 42.31 -12.60 -20.96
CA TYR B 12 43.46 -11.93 -21.54
C TYR B 12 43.65 -12.26 -23.02
N SER B 13 42.81 -13.15 -23.55
CA SER B 13 42.87 -13.44 -24.98
C SER B 13 42.30 -12.25 -25.75
N ASP B 14 42.46 -12.28 -27.07
CA ASP B 14 41.86 -11.26 -27.92
C ASP B 14 40.62 -11.80 -28.62
N ASP B 15 40.11 -12.95 -28.19
CA ASP B 15 38.89 -13.50 -28.78
C ASP B 15 37.63 -13.14 -27.97
N ASN B 16 36.71 -12.44 -28.63
CA ASN B 16 35.47 -11.96 -28.00
C ASN B 16 34.66 -13.02 -27.25
N ASN B 17 34.52 -14.20 -27.86
CA ASN B 17 33.78 -15.31 -27.24
C ASN B 17 34.49 -15.85 -25.99
N LEU B 18 35.81 -15.93 -26.03
CA LEU B 18 36.55 -16.38 -24.86
C LEU B 18 36.47 -15.31 -23.78
N GLN B 19 36.50 -14.03 -24.16
CA GLN B 19 36.39 -12.96 -23.18
C GLN B 19 35.06 -12.98 -22.47
N LEU B 20 34.01 -13.19 -23.27
CA LEU B 20 32.68 -13.20 -22.73
C LEU B 20 32.43 -14.43 -21.84
N GLU B 21 32.92 -15.57 -22.27
CA GLU B 21 32.69 -16.84 -21.56
C GLU B 21 33.42 -16.79 -20.22
N ALA B 22 34.69 -16.40 -20.25
CA ALA B 22 35.49 -16.26 -19.05
C ALA B 22 34.86 -15.24 -18.08
N THR B 23 34.42 -14.11 -18.59
CA THR B 23 33.82 -13.10 -17.72
C THR B 23 32.52 -13.62 -17.04
N THR B 24 31.71 -14.34 -17.79
CA THR B 24 30.48 -14.91 -17.25
C THR B 24 30.76 -15.97 -16.17
N GLN B 25 31.71 -16.87 -16.44
CA GLN B 25 32.14 -17.91 -15.47
C GLN B 25 32.67 -17.31 -14.19
N PHE B 26 33.39 -16.20 -14.31
CA PHE B 26 34.00 -15.56 -13.15
C PHE B 26 32.90 -15.06 -12.25
N ARG B 27 31.94 -14.42 -12.85
CA ARG B 27 30.89 -13.74 -12.11
C ARG B 27 29.97 -14.76 -11.49
N LYS B 28 29.95 -15.93 -12.05
CA LYS B 28 29.25 -17.06 -11.44
C LYS B 28 29.96 -17.66 -10.21
N LEU B 29 31.29 -17.52 -10.11
CA LEU B 29 32.04 -18.10 -8.99
C LEU B 29 32.84 -17.09 -8.14
N LEU B 30 32.24 -15.95 -7.83
CA LEU B 30 32.82 -14.99 -6.87
C LEU B 30 32.37 -15.26 -5.43
N SER B 31 33.32 -15.65 -4.58
CA SER B 31 33.05 -15.82 -3.15
C SER B 31 33.43 -14.62 -2.22
N ILE B 32 34.05 -13.54 -2.72
CA ILE B 32 34.75 -13.49 -4.00
C ILE B 32 36.07 -14.23 -3.82
N GLU B 33 36.36 -15.18 -4.72
CA GLU B 33 37.36 -16.22 -4.49
C GLU B 33 38.21 -15.92 -3.25
N ARG B 34 38.50 -16.94 -2.45
CA ARG B 34 38.76 -16.71 -1.04
C ARG B 34 40.21 -16.56 -0.54
N SER B 35 41.10 -17.47 -0.89
CA SER B 35 42.47 -17.38 -0.39
C SER B 35 43.06 -16.02 -0.73
N PRO B 36 43.93 -15.50 0.15
CA PRO B 36 44.61 -14.23 -0.15
C PRO B 36 45.34 -14.21 -1.51
N PRO B 37 46.06 -15.28 -1.92
CA PRO B 37 46.75 -15.27 -3.23
C PRO B 37 45.74 -15.13 -4.39
N ILE B 38 44.63 -15.83 -4.29
CA ILE B 38 43.56 -15.69 -5.27
C ILE B 38 43.03 -14.25 -5.27
N GLU B 39 42.73 -13.72 -4.12
CA GLU B 39 42.27 -12.33 -3.96
C GLU B 39 43.23 -11.28 -4.62
N GLU B 40 44.53 -11.44 -4.41
CA GLU B 40 45.54 -10.61 -5.03
C GLU B 40 45.47 -10.62 -6.52
N VAL B 41 45.30 -11.78 -7.10
CA VAL B 41 45.29 -11.94 -8.50
C VAL B 41 44.04 -11.28 -9.06
N ILE B 42 42.90 -11.48 -8.44
CA ILE B 42 41.68 -10.86 -8.88
C ILE B 42 41.81 -9.33 -8.82
N GLN B 43 42.36 -8.81 -7.73
CA GLN B 43 42.48 -7.34 -7.59
C GLN B 43 43.49 -6.70 -8.56
N SER B 44 44.66 -7.32 -8.69
CA SER B 44 45.72 -6.75 -9.53
C SER B 44 45.67 -7.26 -10.96
N GLY B 45 45.00 -8.39 -11.17
CA GLY B 45 44.98 -9.06 -12.46
C GLY B 45 43.69 -8.98 -13.26
N VAL B 46 42.56 -9.21 -12.61
CA VAL B 46 41.34 -9.32 -13.39
C VAL B 46 40.54 -8.01 -13.35
N VAL B 47 40.51 -7.30 -12.22
CA VAL B 47 39.75 -6.04 -12.14
C VAL B 47 40.17 -5.10 -13.29
N PRO B 48 41.48 -4.91 -13.51
CA PRO B 48 41.80 -3.99 -14.60
C PRO B 48 41.34 -4.45 -15.96
N ARG B 49 41.28 -5.77 -16.21
CA ARG B 49 40.73 -6.22 -17.49
C ARG B 49 39.25 -5.96 -17.60
N PHE B 50 38.52 -6.26 -16.54
CA PHE B 50 37.09 -5.99 -16.49
C PHE B 50 36.82 -4.50 -16.72
N VAL B 51 37.65 -3.63 -16.16
CA VAL B 51 37.46 -2.19 -16.37
C VAL B 51 37.71 -1.79 -17.84
N GLN B 52 38.72 -2.38 -18.48
CA GLN B 52 38.90 -2.17 -19.93
C GLN B 52 37.64 -2.62 -20.67
N PHE B 53 37.11 -3.78 -20.30
CA PHE B 53 35.89 -4.29 -20.92
C PHE B 53 34.68 -3.33 -20.78
N LEU B 54 34.64 -2.51 -19.73
CA LEU B 54 33.53 -1.57 -19.60
C LEU B 54 33.51 -0.58 -20.77
N THR B 55 34.65 -0.39 -21.42
CA THR B 55 34.71 0.63 -22.46
C THR B 55 34.45 0.07 -23.86
N ARG B 56 34.15 -1.23 -23.94
CA ARG B 56 33.92 -1.88 -25.24
C ARG B 56 32.49 -1.62 -25.75
N GLU B 57 32.28 -0.43 -26.29
CA GLU B 57 30.95 -0.03 -26.70
C GLU B 57 30.48 -0.80 -27.92
N ASP B 58 31.39 -1.54 -28.53
CA ASP B 58 31.10 -2.42 -29.65
C ASP B 58 30.44 -3.71 -29.18
N PHE B 59 30.58 -4.02 -27.91
CA PHE B 59 30.30 -5.35 -27.36
C PHE B 59 29.51 -5.16 -26.04
N PRO B 60 28.27 -4.65 -26.14
CA PRO B 60 27.38 -4.39 -24.99
C PRO B 60 27.22 -5.59 -24.06
N GLN B 61 27.09 -6.80 -24.59
CA GLN B 61 26.99 -7.99 -23.71
C GLN B 61 28.22 -8.10 -22.78
N LEU B 62 29.41 -7.79 -23.29
CA LEU B 62 30.64 -7.89 -22.48
C LEU B 62 30.70 -6.73 -21.48
N GLN B 63 30.29 -5.55 -21.90
CA GLN B 63 30.22 -4.41 -20.98
C GLN B 63 29.33 -4.79 -19.80
N PHE B 64 28.19 -5.42 -20.11
CA PHE B 64 27.20 -5.82 -19.12
C PHE B 64 27.77 -6.87 -18.18
N GLU B 65 28.28 -7.97 -18.71
CA GLU B 65 28.86 -9.01 -17.87
C GLU B 65 30.04 -8.53 -17.02
N ALA B 66 30.89 -7.67 -17.61
CA ALA B 66 32.03 -7.10 -16.88
C ALA B 66 31.55 -6.21 -15.73
N ALA B 67 30.51 -5.42 -15.98
CA ALA B 67 29.91 -4.57 -14.97
C ALA B 67 29.28 -5.42 -13.87
N TRP B 68 28.67 -6.53 -14.27
CA TRP B 68 28.10 -7.44 -13.31
C TRP B 68 29.21 -8.01 -12.42
N ALA B 69 30.30 -8.47 -13.02
CA ALA B 69 31.44 -9.01 -12.26
C ALA B 69 32.05 -8.00 -11.29
N LEU B 70 32.25 -6.77 -11.78
CA LEU B 70 32.75 -5.67 -10.95
C LEU B 70 31.78 -5.27 -9.84
N THR B 71 30.47 -5.26 -10.13
CA THR B 71 29.44 -5.05 -9.09
C THR B 71 29.61 -6.04 -7.95
N ASN B 72 29.80 -7.33 -8.28
CA ASN B 72 29.95 -8.35 -7.25
C ASN B 72 31.30 -8.27 -6.50
N ILE B 73 32.39 -7.98 -7.20
CA ILE B 73 33.66 -7.71 -6.51
C ILE B 73 33.49 -6.52 -5.52
N ALA B 74 32.78 -5.47 -5.94
CA ALA B 74 32.57 -4.27 -5.09
C ALA B 74 31.48 -4.44 -4.01
N SER B 75 30.72 -5.53 -4.09
CA SER B 75 29.75 -5.85 -3.04
C SER B 75 30.40 -6.46 -1.82
N GLY B 76 31.69 -6.73 -1.91
CA GLY B 76 32.37 -7.44 -0.83
C GLY B 76 33.00 -6.51 0.19
N THR B 77 34.23 -6.84 0.55
CA THR B 77 34.97 -6.09 1.55
C THR B 77 35.27 -4.68 1.06
N SER B 78 35.58 -3.80 1.98
CA SER B 78 36.01 -2.45 1.64
C SER B 78 37.27 -2.45 0.76
N GLU B 79 38.22 -3.32 1.06
CA GLU B 79 39.42 -3.38 0.23
C GLU B 79 39.10 -3.71 -1.24
N ASN B 80 38.19 -4.64 -1.48
CA ASN B 80 37.74 -4.91 -2.86
C ASN B 80 37.05 -3.73 -3.51
N THR B 81 36.28 -2.97 -2.76
CA THR B 81 35.67 -1.78 -3.31
C THR B 81 36.76 -0.74 -3.65
N LYS B 82 37.75 -0.62 -2.79
CA LYS B 82 38.84 0.32 -3.06
C LYS B 82 39.65 -0.04 -4.32
N VAL B 83 39.77 -1.33 -4.59
CA VAL B 83 40.51 -1.74 -5.78
C VAL B 83 39.76 -1.36 -7.06
N VAL B 84 38.44 -1.50 -7.04
CA VAL B 84 37.64 -1.10 -8.19
C VAL B 84 37.81 0.40 -8.42
N ILE B 85 37.77 1.14 -7.33
CA ILE B 85 37.97 2.59 -7.39
C ILE B 85 39.36 2.95 -7.94
N ASP B 86 40.40 2.32 -7.40
CA ASP B 86 41.79 2.59 -7.79
C ASP B 86 41.98 2.37 -9.30
N HIS B 87 41.20 1.44 -9.84
CA HIS B 87 41.30 1.12 -11.26
C HIS B 87 40.37 1.93 -12.17
N GLY B 88 39.85 3.04 -11.63
CA GLY B 88 39.17 4.06 -12.41
C GLY B 88 37.76 3.74 -12.85
N ALA B 89 37.11 2.79 -12.18
CA ALA B 89 35.79 2.34 -12.60
C ALA B 89 34.68 3.39 -12.36
N VAL B 90 34.86 4.29 -11.39
CA VAL B 90 33.73 5.12 -11.02
C VAL B 90 33.30 6.07 -12.14
N PRO B 91 34.25 6.83 -12.75
CA PRO B 91 33.83 7.68 -13.87
C PRO B 91 33.31 6.91 -15.07
N ILE B 92 33.85 5.71 -15.27
CA ILE B 92 33.40 4.92 -16.37
C ILE B 92 31.95 4.47 -16.13
N PHE B 93 31.63 4.04 -14.91
CA PHE B 93 30.24 3.66 -14.59
C PHE B 93 29.30 4.88 -14.74
N VAL B 94 29.74 6.08 -14.35
CA VAL B 94 28.93 7.27 -14.60
C VAL B 94 28.65 7.49 -16.11
N LYS B 95 29.67 7.32 -16.92
CA LYS B 95 29.48 7.43 -18.37
C LYS B 95 28.49 6.37 -18.90
N LEU B 96 28.59 5.16 -18.36
CA LEU B 96 27.70 4.07 -18.78
C LEU B 96 26.25 4.32 -18.39
N LEU B 97 25.99 5.26 -17.50
CA LEU B 97 24.61 5.59 -17.20
C LEU B 97 23.93 6.21 -18.42
N GLY B 98 24.71 6.54 -19.47
CA GLY B 98 24.16 7.01 -20.73
C GLY B 98 24.17 5.98 -21.86
N SER B 99 24.44 4.71 -21.54
CA SER B 99 24.45 3.62 -22.52
C SER B 99 23.07 3.37 -23.14
N SER B 100 23.04 2.96 -24.40
CA SER B 100 21.77 2.70 -25.05
C SER B 100 21.25 1.31 -24.65
N SER B 101 22.10 0.51 -24.03
CA SER B 101 21.69 -0.80 -23.54
C SER B 101 21.09 -0.64 -22.16
N ASP B 102 19.83 -1.06 -22.00
CA ASP B 102 19.16 -0.99 -20.71
C ASP B 102 19.88 -1.81 -19.65
N ASP B 103 20.39 -2.98 -20.06
CA ASP B 103 21.07 -3.86 -19.10
C ASP B 103 22.31 -3.18 -18.55
N VAL B 104 23.08 -2.58 -19.45
CA VAL B 104 24.28 -1.91 -19.04
C VAL B 104 23.99 -0.74 -18.09
N ARG B 105 23.00 0.09 -18.41
CA ARG B 105 22.66 1.24 -17.56
C ARG B 105 22.28 0.73 -16.20
N GLU B 106 21.47 -0.33 -16.17
CA GLU B 106 21.01 -0.89 -14.89
C GLU B 106 22.19 -1.44 -14.06
N GLN B 107 23.11 -2.15 -14.71
CA GLN B 107 24.29 -2.67 -14.01
C GLN B 107 25.18 -1.54 -13.50
N ALA B 108 25.34 -0.47 -14.30
CA ALA B 108 26.12 0.69 -13.86
C ALA B 108 25.46 1.34 -12.62
N VAL B 109 24.14 1.43 -12.63
CA VAL B 109 23.43 1.98 -11.47
C VAL B 109 23.73 1.13 -10.23
N TRP B 110 23.60 -0.18 -10.40
CA TRP B 110 23.85 -1.11 -9.31
C TRP B 110 25.30 -0.99 -8.80
N ALA B 111 26.25 -1.01 -9.73
CA ALA B 111 27.67 -0.89 -9.38
C ALA B 111 27.92 0.38 -8.55
N LEU B 112 27.37 1.50 -9.01
CA LEU B 112 27.56 2.76 -8.31
C LEU B 112 26.92 2.74 -6.93
N GLY B 113 25.80 2.05 -6.78
CA GLY B 113 25.18 1.90 -5.48
C GLY B 113 26.09 1.12 -4.52
N ASN B 114 26.75 0.07 -5.01
CA ASN B 114 27.65 -0.71 -4.15
C ASN B 114 28.84 0.10 -3.74
N VAL B 115 29.43 0.84 -4.67
CA VAL B 115 30.58 1.64 -4.33
C VAL B 115 30.19 2.72 -3.30
N ALA B 116 29.10 3.43 -3.56
CA ALA B 116 28.63 4.48 -2.68
C ALA B 116 28.25 3.91 -1.33
N GLY B 117 27.77 2.67 -1.34
CA GLY B 117 27.34 2.00 -0.12
C GLY B 117 28.47 1.64 0.82
N ASP B 118 29.72 1.75 0.37
CA ASP B 118 30.81 1.28 1.21
C ASP B 118 31.08 2.16 2.43
N SER B 119 31.01 3.47 2.27
CA SER B 119 31.39 4.39 3.34
C SER B 119 31.09 5.79 2.87
N PRO B 120 31.08 6.75 3.80
CA PRO B 120 30.82 8.13 3.38
C PRO B 120 31.85 8.65 2.35
N LYS B 121 33.11 8.28 2.50
CA LYS B 121 34.14 8.67 1.53
C LYS B 121 33.81 8.20 0.10
N CYS B 122 33.42 6.93 -0.02
CA CYS B 122 33.17 6.37 -1.32
C CYS B 122 31.89 6.94 -1.91
N ARG B 123 30.91 7.15 -1.05
CA ARG B 123 29.71 7.85 -1.46
C ARG B 123 30.08 9.26 -2.00
N ASP B 124 30.93 9.98 -1.28
CA ASP B 124 31.31 11.32 -1.71
C ASP B 124 32.08 11.28 -3.05
N LEU B 125 32.86 10.23 -3.28
CA LEU B 125 33.63 10.12 -4.51
C LEU B 125 32.70 9.91 -5.70
N VAL B 126 31.70 9.06 -5.48
CA VAL B 126 30.66 8.83 -6.51
C VAL B 126 29.88 10.12 -6.84
N LEU B 127 29.42 10.86 -5.83
CA LEU B 127 28.77 12.14 -6.09
C LEU B 127 29.72 13.13 -6.80
N ALA B 128 30.95 13.17 -6.35
CA ALA B 128 31.97 14.07 -6.93
C ALA B 128 32.28 13.73 -8.40
N ASN B 129 32.02 12.49 -8.81
CA ASN B 129 32.20 12.11 -10.22
C ASN B 129 30.93 12.34 -11.03
N GLY B 130 29.97 13.05 -10.43
CA GLY B 130 28.77 13.45 -11.15
C GLY B 130 27.75 12.38 -11.48
N ALA B 131 27.61 11.38 -10.62
CA ALA B 131 26.65 10.29 -10.85
C ALA B 131 25.19 10.68 -10.69
N LEU B 132 24.88 11.65 -9.84
CA LEU B 132 23.47 11.88 -9.51
C LEU B 132 22.61 12.31 -10.73
N LEU B 133 23.02 13.32 -11.46
CA LEU B 133 22.14 13.84 -12.50
C LEU B 133 21.91 12.82 -13.63
N PRO B 134 22.96 12.13 -14.06
CA PRO B 134 22.67 11.12 -15.07
C PRO B 134 21.91 9.91 -14.56
N LEU B 135 22.04 9.56 -13.28
CA LEU B 135 21.18 8.52 -12.71
C LEU B 135 19.72 8.98 -12.82
N LEU B 136 19.45 10.22 -12.44
CA LEU B 136 18.09 10.76 -12.49
C LEU B 136 17.57 10.95 -13.92
N ALA B 137 18.46 11.36 -14.83
CA ALA B 137 18.03 11.82 -16.15
C ALA B 137 17.46 10.65 -16.93
N GLN B 138 17.88 9.45 -16.55
CA GLN B 138 17.50 8.25 -17.27
C GLN B 138 16.31 7.59 -16.60
N LEU B 139 15.78 8.22 -15.56
CA LEU B 139 14.50 7.80 -15.01
C LEU B 139 13.35 8.59 -15.62
N ASN B 140 12.24 7.90 -15.92
CA ASN B 140 11.07 8.55 -16.50
C ASN B 140 9.82 7.67 -16.39
N GLU B 141 8.69 8.16 -16.94
CA GLU B 141 7.40 7.45 -16.85
C GLU B 141 7.45 6.03 -17.40
N HIS B 142 8.39 5.79 -18.31
CA HIS B 142 8.47 4.54 -19.01
C HIS B 142 9.43 3.55 -18.34
N THR B 143 10.16 3.99 -17.31
CA THR B 143 11.19 3.16 -16.70
C THR B 143 10.59 1.89 -16.11
N LYS B 144 11.16 0.76 -16.48
CA LYS B 144 10.72 -0.52 -15.95
C LYS B 144 11.11 -0.76 -14.48
N LEU B 145 10.36 -1.64 -13.83
CA LEU B 145 10.44 -1.85 -12.40
C LEU B 145 11.83 -2.23 -11.90
N SER B 146 12.51 -3.15 -12.59
CA SER B 146 13.84 -3.53 -12.12
C SER B 146 14.76 -2.31 -12.02
N MET B 147 14.66 -1.39 -12.97
CA MET B 147 15.53 -0.20 -12.95
C MET B 147 15.05 0.77 -11.88
N LEU B 148 13.73 0.84 -11.68
CA LEU B 148 13.21 1.68 -10.62
C LEU B 148 13.75 1.18 -9.27
N ARG B 149 13.72 -0.13 -9.07
CA ARG B 149 14.21 -0.69 -7.81
C ARG B 149 15.70 -0.44 -7.65
N ASN B 150 16.51 -0.74 -8.66
CA ASN B 150 17.95 -0.50 -8.54
C ASN B 150 18.29 0.96 -8.34
N ALA B 151 17.61 1.83 -9.10
CA ALA B 151 17.91 3.25 -9.03
C ALA B 151 17.53 3.83 -7.68
N THR B 152 16.39 3.39 -7.15
CA THR B 152 15.96 3.93 -5.85
C THR B 152 16.93 3.48 -4.77
N TRP B 153 17.32 2.20 -4.83
CA TRP B 153 18.31 1.68 -3.89
C TRP B 153 19.62 2.47 -3.96
N THR B 154 20.16 2.69 -5.15
CA THR B 154 21.39 3.45 -5.28
C THR B 154 21.22 4.86 -4.76
N LEU B 155 20.07 5.45 -5.06
CA LEU B 155 19.75 6.77 -4.56
C LEU B 155 19.83 6.80 -3.04
N SER B 156 19.26 5.78 -2.41
CA SER B 156 19.25 5.77 -0.96
C SER B 156 20.69 5.71 -0.41
N ASN B 157 21.56 4.95 -1.04
CA ASN B 157 22.98 4.98 -0.66
C ASN B 157 23.72 6.28 -0.94
N PHE B 158 23.34 7.00 -1.99
CA PHE B 158 23.89 8.35 -2.22
C PHE B 158 23.52 9.29 -1.02
N CYS B 159 22.41 9.01 -0.32
CA CYS B 159 21.98 9.87 0.75
C CYS B 159 22.40 9.45 2.16
N ARG B 160 22.81 8.21 2.28
CA ARG B 160 23.03 7.55 3.55
C ARG B 160 24.39 7.91 4.15
N GLY B 161 24.47 7.89 5.48
CA GLY B 161 25.74 7.92 6.18
C GLY B 161 25.98 9.17 6.96
N LYS B 162 26.81 9.03 8.00
CA LYS B 162 27.31 10.11 8.79
C LYS B 162 28.82 10.12 8.60
N PRO B 163 29.38 11.29 8.26
CA PRO B 163 28.62 12.51 8.08
C PRO B 163 27.77 12.48 6.83
N GLN B 164 26.71 13.26 6.86
CA GLN B 164 25.79 13.29 5.76
C GLN B 164 26.47 13.94 4.60
N PRO B 165 26.01 13.65 3.38
CA PRO B 165 26.45 14.41 2.22
C PRO B 165 25.93 15.82 2.29
N SER B 166 26.56 16.69 1.50
CA SER B 166 26.11 18.07 1.38
C SER B 166 24.68 18.02 0.92
N PHE B 167 23.85 18.86 1.50
CA PHE B 167 22.47 18.93 1.02
C PHE B 167 22.43 19.42 -0.44
N GLU B 168 23.34 20.32 -0.83
CA GLU B 168 23.41 20.74 -2.23
C GLU B 168 23.74 19.57 -3.17
N GLN B 169 24.56 18.64 -2.72
CA GLN B 169 24.86 17.46 -3.54
C GLN B 169 23.68 16.50 -3.69
N THR B 170 22.77 16.46 -2.74
CA THR B 170 21.69 15.51 -2.85
C THR B 170 20.34 16.15 -3.19
N ARG B 171 20.30 17.47 -3.18
CA ARG B 171 19.06 18.16 -3.44
C ARG B 171 18.37 17.70 -4.71
N PRO B 172 19.13 17.47 -5.82
CA PRO B 172 18.40 17.07 -7.03
C PRO B 172 17.61 15.78 -6.87
N ALA B 173 17.94 14.95 -5.88
CA ALA B 173 17.20 13.72 -5.68
C ALA B 173 15.79 13.93 -5.15
N LEU B 174 15.52 15.09 -4.55
CA LEU B 174 14.24 15.24 -3.81
C LEU B 174 12.96 15.08 -4.67
N PRO B 175 12.86 15.81 -5.79
CA PRO B 175 11.67 15.67 -6.66
C PRO B 175 11.47 14.22 -7.19
N ALA B 176 12.55 13.50 -7.50
CA ALA B 176 12.43 12.09 -7.88
C ALA B 176 11.96 11.19 -6.71
N LEU B 177 12.54 11.37 -5.53
CA LEU B 177 12.09 10.59 -4.37
C LEU B 177 10.62 10.93 -4.08
N ALA B 178 10.20 12.18 -4.22
CA ALA B 178 8.80 12.53 -3.95
C ALA B 178 7.86 11.81 -4.87
N ARG B 179 8.31 11.51 -6.11
CA ARG B 179 7.50 10.75 -7.04
C ARG B 179 7.57 9.26 -6.69
N LEU B 180 8.77 8.78 -6.36
CA LEU B 180 8.97 7.36 -6.10
C LEU B 180 8.16 6.85 -4.89
N ILE B 181 7.93 7.68 -3.88
CA ILE B 181 7.10 7.17 -2.76
C ILE B 181 5.60 7.01 -3.14
N HIS B 182 5.22 7.38 -4.36
CA HIS B 182 3.86 7.04 -4.85
C HIS B 182 3.79 5.69 -5.53
N SER B 183 4.91 4.98 -5.57
CA SER B 183 4.89 3.63 -6.08
C SER B 183 4.06 2.75 -5.15
N ASN B 184 3.55 1.62 -5.65
CA ASN B 184 3.01 0.62 -4.75
C ASN B 184 3.99 -0.53 -4.52
N ASP B 185 5.14 -0.48 -5.18
CA ASP B 185 6.12 -1.55 -5.02
C ASP B 185 6.86 -1.50 -3.68
N GLU B 186 6.84 -2.58 -2.92
CA GLU B 186 7.40 -2.51 -1.57
C GLU B 186 8.88 -2.18 -1.60
N GLU B 187 9.60 -2.69 -2.59
CA GLU B 187 11.05 -2.43 -2.58
C GLU B 187 11.38 -0.96 -2.84
N VAL B 188 10.74 -0.39 -3.86
CA VAL B 188 10.93 1.01 -4.17
C VAL B 188 10.52 1.87 -2.98
N LEU B 189 9.38 1.52 -2.37
CA LEU B 189 8.92 2.24 -1.20
C LEU B 189 9.94 2.21 -0.08
N THR B 190 10.49 1.03 0.15
CA THR B 190 11.41 0.87 1.26
C THR B 190 12.60 1.81 1.06
N ASP B 191 13.20 1.74 -0.12
CA ASP B 191 14.43 2.50 -0.36
C ASP B 191 14.17 3.99 -0.47
N ALA B 192 13.06 4.37 -1.11
CA ALA B 192 12.71 5.78 -1.20
C ALA B 192 12.49 6.37 0.21
N CYS B 193 11.82 5.61 1.07
CA CYS B 193 11.56 6.11 2.41
C CYS B 193 12.88 6.20 3.19
N TRP B 194 13.74 5.19 3.12
CA TRP B 194 15.05 5.34 3.75
C TRP B 194 15.77 6.60 3.26
N ALA B 195 15.76 6.85 1.96
CA ALA B 195 16.50 7.99 1.41
C ALA B 195 15.95 9.28 2.03
N LEU B 196 14.62 9.39 2.08
CA LEU B 196 13.99 10.57 2.68
C LEU B 196 14.31 10.66 4.18
N SER B 197 14.44 9.52 4.84
CA SER B 197 14.78 9.54 6.27
C SER B 197 16.16 10.13 6.47
N TYR B 198 17.05 9.93 5.51
CA TYR B 198 18.41 10.49 5.63
C TYR B 198 18.40 11.99 5.36
N LEU B 199 17.68 12.40 4.33
CA LEU B 199 17.68 13.79 3.87
C LEU B 199 16.97 14.72 4.88
N SER B 200 16.03 14.14 5.61
CA SER B 200 15.30 14.88 6.64
C SER B 200 15.99 14.86 8.01
N ASP B 201 17.10 14.14 8.13
CA ASP B 201 17.83 14.08 9.40
C ASP B 201 18.80 15.28 9.50
N GLY B 202 18.42 16.32 10.23
CA GLY B 202 19.32 17.46 10.39
C GLY B 202 18.59 18.74 10.68
N THR B 203 19.17 19.83 10.21
CA THR B 203 18.68 21.15 10.55
C THR B 203 17.37 21.46 9.84
N ASN B 204 16.70 22.50 10.31
CA ASN B 204 15.36 22.80 9.85
C ASN B 204 15.31 23.22 8.37
N ASP B 205 16.39 23.77 7.81
CA ASP B 205 16.42 24.01 6.35
C ASP B 205 16.33 22.70 5.50
N LYS B 206 16.99 21.64 5.98
CA LYS B 206 16.86 20.34 5.32
C LYS B 206 15.41 19.87 5.39
N ILE B 207 14.82 19.93 6.57
CA ILE B 207 13.44 19.53 6.75
C ILE B 207 12.55 20.36 5.85
N GLN B 208 12.84 21.66 5.75
CA GLN B 208 12.05 22.56 4.91
C GLN B 208 12.08 22.07 3.48
N ALA B 209 13.25 21.67 3.01
CA ALA B 209 13.39 21.25 1.64
C ALA B 209 12.56 19.99 1.39
N VAL B 210 12.57 19.08 2.35
CA VAL B 210 11.81 17.83 2.21
C VAL B 210 10.32 18.14 2.19
N ILE B 211 9.87 19.02 3.07
CA ILE B 211 8.46 19.40 3.08
C ILE B 211 8.05 20.04 1.77
N GLU B 212 8.92 20.87 1.21
CA GLU B 212 8.60 21.57 0.00
C GLU B 212 8.53 20.65 -1.22
N ALA B 213 9.08 19.45 -1.12
CA ALA B 213 8.95 18.47 -2.18
C ALA B 213 7.57 17.81 -2.19
N GLY B 214 6.80 18.04 -1.12
CA GLY B 214 5.39 17.71 -1.13
C GLY B 214 5.12 16.30 -0.60
N VAL B 215 6.10 15.75 0.13
CA VAL B 215 6.06 14.33 0.51
C VAL B 215 5.18 14.02 1.69
N CYS B 216 4.76 15.03 2.46
CA CYS B 216 4.14 14.76 3.78
C CYS B 216 2.87 13.89 3.71
N PRO B 217 1.95 14.21 2.81
CA PRO B 217 0.72 13.42 2.76
C PRO B 217 1.00 11.92 2.53
N ARG B 218 1.83 11.64 1.53
CA ARG B 218 2.16 10.27 1.23
C ARG B 218 2.97 9.59 2.37
N LEU B 219 3.86 10.33 3.04
CA LEU B 219 4.61 9.71 4.12
C LEU B 219 3.65 9.23 5.19
N VAL B 220 2.60 10.03 5.41
CA VAL B 220 1.68 9.71 6.47
C VAL B 220 0.88 8.50 6.07
N GLU B 221 0.54 8.42 4.79
CA GLU B 221 -0.17 7.25 4.29
C GLU B 221 0.64 5.99 4.57
N LEU B 222 1.95 6.10 4.41
CA LEU B 222 2.86 4.97 4.53
C LEU B 222 3.08 4.55 5.97
N LEU B 223 2.64 5.37 6.93
CA LEU B 223 2.62 4.94 8.34
C LEU B 223 1.71 3.74 8.55
N LEU B 224 0.73 3.60 7.66
CA LEU B 224 -0.24 2.48 7.76
C LEU B 224 0.13 1.32 6.85
N HIS B 225 1.28 1.41 6.21
CA HIS B 225 1.71 0.30 5.39
C HIS B 225 1.89 -0.94 6.25
N PRO B 226 1.38 -2.09 5.79
CA PRO B 226 1.39 -3.34 6.58
C PRO B 226 2.78 -3.95 6.72
N SER B 227 3.67 -3.70 5.76
CA SER B 227 5.05 -4.16 5.89
C SER B 227 5.96 -3.29 6.76
N PRO B 228 6.55 -3.90 7.78
CA PRO B 228 7.51 -3.17 8.62
C PRO B 228 8.65 -2.57 7.79
N SER B 229 9.04 -3.18 6.68
CA SER B 229 10.11 -2.65 5.83
C SER B 229 9.87 -1.24 5.29
N VAL B 230 8.59 -0.93 5.09
CA VAL B 230 8.18 0.40 4.61
C VAL B 230 7.83 1.32 5.76
N LEU B 231 7.07 0.79 6.70
CA LEU B 231 6.62 1.55 7.86
C LEU B 231 7.78 2.15 8.61
N ILE B 232 8.84 1.39 8.84
CA ILE B 232 9.92 1.88 9.70
C ILE B 232 10.59 3.13 9.12
N PRO B 233 11.06 3.07 7.86
CA PRO B 233 11.67 4.32 7.37
C PRO B 233 10.64 5.43 7.19
N ALA B 234 9.40 5.11 6.86
CA ALA B 234 8.40 6.17 6.70
C ALA B 234 8.24 6.88 8.06
N LEU B 235 8.13 6.05 9.09
CA LEU B 235 7.98 6.55 10.46
C LEU B 235 9.19 7.38 10.87
N ARG B 236 10.39 6.90 10.54
CA ARG B 236 11.60 7.65 10.85
C ARG B 236 11.59 9.02 10.17
N THR B 237 11.07 9.09 8.94
CA THR B 237 11.05 10.34 8.23
C THR B 237 10.03 11.28 8.84
N VAL B 238 8.85 10.75 9.15
CA VAL B 238 7.84 11.60 9.82
C VAL B 238 8.41 12.15 11.15
N GLY B 239 9.05 11.29 11.93
CA GLY B 239 9.68 11.69 13.18
C GLY B 239 10.73 12.78 12.99
N ASN B 240 11.50 12.67 11.92
CA ASN B 240 12.52 13.65 11.62
C ASN B 240 11.87 14.99 11.35
N ILE B 241 10.79 14.96 10.60
CA ILE B 241 10.14 16.20 10.22
C ILE B 241 9.59 16.93 11.45
N VAL B 242 8.95 16.21 12.38
CA VAL B 242 8.44 16.90 13.59
C VAL B 242 9.53 17.28 14.62
N THR B 243 10.82 17.03 14.32
CA THR B 243 11.88 17.70 15.11
C THR B 243 11.95 19.16 14.68
N GLY B 244 11.24 19.52 13.62
CA GLY B 244 11.32 20.86 13.08
C GLY B 244 10.47 21.86 13.86
N ASP B 245 10.34 23.06 13.31
CA ASP B 245 9.58 24.10 14.01
C ASP B 245 8.07 23.83 13.94
N ASP B 246 7.30 24.68 14.60
CA ASP B 246 5.85 24.46 14.73
C ASP B 246 5.16 24.38 13.37
N ALA B 247 5.51 25.26 12.44
CA ALA B 247 4.87 25.29 11.13
C ALA B 247 5.19 24.03 10.32
N GLN B 248 6.44 23.57 10.44
CA GLN B 248 6.88 22.35 9.80
C GLN B 248 6.19 21.09 10.38
N THR B 249 6.03 21.10 11.69
CA THR B 249 5.38 20.00 12.39
C THR B 249 3.92 19.97 11.98
N GLN B 250 3.32 21.14 11.81
CA GLN B 250 1.94 21.27 11.36
C GLN B 250 1.66 20.60 10.00
N CYS B 251 2.63 20.59 9.09
CA CYS B 251 2.48 19.93 7.80
C CYS B 251 2.24 18.43 7.94
N ILE B 252 2.76 17.85 9.02
CA ILE B 252 2.52 16.47 9.31
C ILE B 252 1.15 16.30 9.94
N ILE B 253 0.83 17.14 10.94
CA ILE B 253 -0.42 17.04 11.68
C ILE B 253 -1.63 17.22 10.74
N ASP B 254 -1.51 18.12 9.77
CA ASP B 254 -2.62 18.45 8.90
C ASP B 254 -3.09 17.29 8.03
N HIS B 255 -2.33 16.21 7.96
CA HIS B 255 -2.76 15.08 7.16
C HIS B 255 -3.07 13.86 7.98
N GLN B 256 -3.60 14.06 9.18
CA GLN B 256 -4.07 12.97 10.00
C GLN B 256 -2.98 12.01 10.42
N ALA B 257 -1.80 12.53 10.69
CA ALA B 257 -0.76 11.68 11.20
C ALA B 257 -1.07 11.16 12.61
N LEU B 258 -1.73 11.99 13.41
CA LEU B 258 -1.93 11.64 14.82
C LEU B 258 -2.80 10.37 14.99
N PRO B 259 -3.98 10.28 14.34
CA PRO B 259 -4.71 9.00 14.39
C PRO B 259 -3.89 7.81 13.83
N CYS B 260 -3.06 8.05 12.81
CA CYS B 260 -2.12 7.00 12.33
C CYS B 260 -1.08 6.58 13.40
N LEU B 261 -0.43 7.53 14.03
CA LEU B 261 0.56 7.24 15.05
C LEU B 261 -0.12 6.50 16.22
N LEU B 262 -1.33 6.89 16.58
CA LEU B 262 -2.05 6.22 17.64
C LEU B 262 -2.27 4.74 17.31
N SER B 263 -2.61 4.43 16.06
CA SER B 263 -2.86 3.05 15.67
C SER B 263 -1.59 2.25 15.80
N LEU B 264 -0.42 2.90 15.70
CA LEU B 264 0.82 2.17 15.86
C LEU B 264 1.06 1.83 17.33
N LEU B 265 0.54 2.66 18.23
CA LEU B 265 0.62 2.38 19.67
C LEU B 265 -0.35 1.28 20.12
N THR B 266 -1.45 1.08 19.41
CA THR B 266 -2.49 0.18 19.91
C THR B 266 -2.45 -1.16 19.18
N GLN B 267 -1.73 -1.22 18.06
CA GLN B 267 -1.47 -2.50 17.40
C GLN B 267 -0.35 -3.29 18.11
N ASN B 268 -0.28 -4.59 17.82
CA ASN B 268 0.70 -5.47 18.46
C ASN B 268 2.01 -5.47 17.67
N LEU B 269 2.75 -4.37 17.79
CA LEU B 269 3.95 -4.14 16.99
C LEU B 269 5.18 -4.19 17.89
N LYS B 270 6.34 -4.44 17.30
CA LYS B 270 7.65 -4.46 17.95
C LYS B 270 7.83 -3.23 18.81
N LYS B 271 8.52 -3.41 19.92
CA LYS B 271 8.84 -2.33 20.84
C LYS B 271 9.52 -1.12 20.16
N SER B 272 10.47 -1.39 19.26
CA SER B 272 11.21 -0.31 18.62
C SER B 272 10.34 0.58 17.74
N ILE B 273 9.29 0.03 17.13
CA ILE B 273 8.32 0.88 16.43
C ILE B 273 7.51 1.77 17.42
N LYS B 274 7.05 1.21 18.54
CA LYS B 274 6.25 2.00 19.46
C LYS B 274 7.10 3.07 20.08
N LYS B 275 8.36 2.74 20.33
CA LYS B 275 9.28 3.74 20.88
C LYS B 275 9.41 4.93 19.94
N GLU B 276 9.62 4.64 18.65
CA GLU B 276 9.66 5.69 17.62
C GLU B 276 8.40 6.53 17.58
N ALA B 277 7.27 5.88 17.64
CA ALA B 277 6.02 6.58 17.50
C ALA B 277 5.82 7.50 18.72
N CYS B 278 6.18 7.02 19.92
CA CYS B 278 6.11 7.85 21.13
C CYS B 278 7.09 9.01 21.10
N TRP B 279 8.30 8.77 20.62
CA TRP B 279 9.24 9.86 20.44
C TRP B 279 8.67 10.91 19.46
N THR B 280 8.10 10.46 18.33
CA THR B 280 7.45 11.37 17.38
C THR B 280 6.31 12.17 18.04
N ILE B 281 5.44 11.48 18.77
CA ILE B 281 4.36 12.17 19.48
C ILE B 281 4.93 13.17 20.48
N SER B 282 6.02 12.81 21.11
CA SER B 282 6.60 13.73 22.10
C SER B 282 7.07 15.03 21.45
N ASN B 283 7.59 14.94 20.21
CA ASN B 283 8.07 16.15 19.56
C ASN B 283 6.88 16.97 19.06
N ILE B 284 5.72 16.34 19.03
CA ILE B 284 4.50 17.06 18.68
C ILE B 284 3.95 17.77 19.88
N THR B 285 3.95 17.12 21.06
CA THR B 285 3.48 17.78 22.25
C THR B 285 4.50 18.76 22.76
N ALA B 286 5.68 18.78 22.14
CA ALA B 286 6.64 19.84 22.42
C ALA B 286 6.24 21.09 21.64
N GLY B 287 5.15 21.02 20.87
CA GLY B 287 4.75 22.11 19.97
C GLY B 287 3.85 23.13 20.67
N ASN B 288 3.02 23.85 19.91
CA ASN B 288 2.12 24.84 20.49
C ASN B 288 0.80 24.24 21.05
N LYS B 289 -0.02 25.09 21.68
CA LYS B 289 -1.27 24.65 22.33
C LYS B 289 -2.24 23.95 21.36
N ASP B 290 -2.29 24.44 20.13
CA ASP B 290 -3.11 23.83 19.08
C ASP B 290 -2.65 22.43 18.72
N GLN B 291 -1.34 22.25 18.69
CA GLN B 291 -0.77 20.95 18.36
C GLN B 291 -0.99 19.94 19.48
N ILE B 292 -0.86 20.41 20.72
CA ILE B 292 -1.21 19.59 21.88
C ILE B 292 -2.68 19.24 21.83
N GLN B 293 -3.53 20.19 21.40
CA GLN B 293 -4.94 19.95 21.31
C GLN B 293 -5.22 18.87 20.26
N ALA B 294 -4.49 18.91 19.13
CA ALA B 294 -4.68 17.87 18.10
C ALA B 294 -4.35 16.48 18.66
N VAL B 295 -3.33 16.39 19.51
CA VAL B 295 -2.99 15.11 20.15
C VAL B 295 -4.12 14.62 21.08
N ILE B 296 -4.66 15.57 21.84
CA ILE B 296 -5.79 15.28 22.71
C ILE B 296 -6.99 14.83 21.87
N ASN B 297 -7.25 15.54 20.80
CA ASN B 297 -8.45 15.32 20.00
C ASN B 297 -8.43 13.94 19.33
N ALA B 298 -7.23 13.51 18.95
CA ALA B 298 -7.02 12.22 18.32
C ALA B 298 -7.23 11.05 19.27
N GLY B 299 -7.32 11.28 20.58
CA GLY B 299 -7.52 10.21 21.53
C GLY B 299 -6.22 9.61 21.99
N ILE B 300 -5.12 10.35 21.87
CA ILE B 300 -3.81 9.77 22.19
C ILE B 300 -3.49 9.66 23.71
N ILE B 301 -4.05 10.57 24.53
CA ILE B 301 -3.58 10.69 25.91
C ILE B 301 -3.84 9.44 26.75
N GLY B 302 -5.04 8.87 26.67
CA GLY B 302 -5.37 7.68 27.44
C GLY B 302 -4.34 6.57 27.19
N PRO B 303 -4.22 6.14 25.93
CA PRO B 303 -3.24 5.11 25.59
C PRO B 303 -1.83 5.49 25.95
N LEU B 304 -1.48 6.78 25.87
CA LEU B 304 -0.13 7.22 26.15
C LEU B 304 0.14 7.05 27.65
N VAL B 305 -0.85 7.43 28.46
CA VAL B 305 -0.77 7.29 29.92
C VAL B 305 -0.66 5.84 30.33
N ASN B 306 -1.42 4.96 29.66
CA ASN B 306 -1.28 3.53 29.92
C ASN B 306 0.15 3.05 29.60
N LEU B 307 0.71 3.53 28.48
CA LEU B 307 2.09 3.19 28.17
C LEU B 307 3.04 3.70 29.28
N LEU B 308 2.83 4.93 29.72
CA LEU B 308 3.71 5.51 30.73
C LEU B 308 3.71 4.66 31.99
N GLN B 309 2.58 4.04 32.27
CA GLN B 309 2.41 3.28 33.49
C GLN B 309 2.93 1.84 33.37
N THR B 310 2.80 1.22 32.18
CA THR B 310 2.95 -0.25 32.07
C THR B 310 3.91 -0.76 31.00
N ALA B 311 4.33 0.07 30.07
CA ALA B 311 5.16 -0.38 28.95
C ALA B 311 6.58 -0.73 29.36
N GLU B 312 7.35 -1.33 28.44
CA GLU B 312 8.76 -1.56 28.69
C GLU B 312 9.42 -0.18 28.77
N PHE B 313 10.48 -0.11 29.56
CA PHE B 313 11.11 1.14 29.93
C PHE B 313 11.48 2.04 28.76
N ASP B 314 11.94 1.45 27.66
CA ASP B 314 12.32 2.24 26.49
C ASP B 314 11.14 3.06 25.93
N ILE B 315 9.94 2.49 26.02
CA ILE B 315 8.73 3.20 25.60
C ILE B 315 8.31 4.20 26.68
N LYS B 316 8.32 3.75 27.94
CA LYS B 316 7.98 4.62 29.07
C LYS B 316 8.72 5.93 29.00
N LYS B 317 10.03 5.85 28.74
CA LYS B 317 10.84 7.06 28.67
C LYS B 317 10.25 8.03 27.64
N GLU B 318 9.85 7.52 26.47
CA GLU B 318 9.30 8.42 25.48
C GLU B 318 7.94 8.93 25.87
N ALA B 319 7.13 8.09 26.50
CA ALA B 319 5.81 8.55 26.95
C ALA B 319 6.01 9.64 28.00
N ALA B 320 7.04 9.50 28.83
CA ALA B 320 7.27 10.51 29.87
C ALA B 320 7.52 11.88 29.26
N TRP B 321 8.43 11.95 28.29
CA TRP B 321 8.70 13.19 27.58
C TRP B 321 7.42 13.66 26.90
N ALA B 322 6.69 12.74 26.29
CA ALA B 322 5.47 13.17 25.63
C ALA B 322 4.48 13.85 26.60
N ILE B 323 4.24 13.23 27.75
CA ILE B 323 3.30 13.79 28.73
C ILE B 323 3.87 15.06 29.34
N SER B 324 5.15 15.03 29.69
CA SER B 324 5.77 16.18 30.33
C SER B 324 5.78 17.41 29.42
N ASN B 325 6.11 17.23 28.14
CA ASN B 325 6.08 18.31 27.14
C ASN B 325 4.70 18.92 27.07
N ALA B 326 3.67 18.08 27.08
CA ALA B 326 2.31 18.59 27.07
C ALA B 326 2.03 19.47 28.31
N THR B 327 2.59 19.15 29.48
CA THR B 327 2.29 19.95 30.67
C THR B 327 3.04 21.26 30.64
N SER B 328 4.09 21.30 29.87
CA SER B 328 4.95 22.47 29.73
C SER B 328 4.38 23.50 28.75
N GLY B 329 3.83 23.03 27.63
CA GLY B 329 3.29 23.92 26.61
C GLY B 329 1.78 24.06 26.67
N GLY B 330 1.14 23.24 27.51
CA GLY B 330 -0.30 23.16 27.50
C GLY B 330 -0.98 24.31 28.23
N SER B 331 -2.25 24.53 27.93
CA SER B 331 -3.04 25.48 28.69
C SER B 331 -3.46 24.82 29.99
N HIS B 332 -4.04 25.62 30.86
CA HIS B 332 -4.58 25.18 32.15
C HIS B 332 -5.57 24.00 31.96
N ASP B 333 -6.44 24.13 30.97
CA ASP B 333 -7.49 23.16 30.74
C ASP B 333 -6.91 21.88 30.15
N GLN B 334 -5.90 22.01 29.31
CA GLN B 334 -5.24 20.85 28.74
C GLN B 334 -4.57 20.06 29.86
N ILE B 335 -3.88 20.75 30.76
CA ILE B 335 -3.24 20.07 31.88
C ILE B 335 -4.27 19.34 32.76
N LYS B 336 -5.41 19.98 33.01
CA LYS B 336 -6.46 19.33 33.78
C LYS B 336 -6.93 18.11 33.05
N TYR B 337 -6.94 18.15 31.73
CA TYR B 337 -7.34 16.99 30.96
C TYR B 337 -6.32 15.85 31.15
N LEU B 338 -5.03 16.16 31.12
CA LEU B 338 -4.01 15.13 31.31
C LEU B 338 -4.18 14.47 32.69
N VAL B 339 -4.51 15.28 33.70
CA VAL B 339 -4.70 14.75 35.05
C VAL B 339 -5.96 13.87 35.13
N SER B 340 -7.03 14.30 34.47
CA SER B 340 -8.28 13.55 34.48
C SER B 340 -8.09 12.20 33.77
N GLU B 341 -7.12 12.12 32.87
CA GLU B 341 -6.75 10.87 32.21
C GLU B 341 -5.76 10.01 33.02
N GLY B 342 -5.43 10.45 34.23
CA GLY B 342 -4.64 9.66 35.14
C GLY B 342 -3.13 9.80 35.02
N CYS B 343 -2.64 10.91 34.50
CA CYS B 343 -1.20 11.00 34.29
C CYS B 343 -0.34 11.12 35.56
N ILE B 344 -0.92 11.52 36.70
CA ILE B 344 -0.11 11.83 37.90
C ILE B 344 0.59 10.61 38.47
N LYS B 345 -0.16 9.54 38.76
CA LYS B 345 0.43 8.33 39.28
C LYS B 345 1.65 7.83 38.46
N PRO B 346 1.50 7.61 37.14
CA PRO B 346 2.64 7.12 36.35
C PRO B 346 3.84 8.08 36.35
N LEU B 347 3.59 9.38 36.42
CA LEU B 347 4.70 10.32 36.55
C LEU B 347 5.41 10.12 37.88
N CYS B 348 4.63 9.95 38.94
CA CYS B 348 5.21 9.73 40.25
C CYS B 348 6.05 8.46 40.30
N ASP B 349 5.53 7.38 39.71
CA ASP B 349 6.18 6.07 39.79
C ASP B 349 7.59 6.14 39.16
N LEU B 350 7.78 7.02 38.19
CA LEU B 350 9.06 7.12 37.55
C LEU B 350 10.05 8.00 38.29
N LEU B 351 9.66 8.56 39.42
CA LEU B 351 10.62 9.38 40.17
C LEU B 351 11.75 8.52 40.73
N ILE B 352 11.60 7.21 40.73
CA ILE B 352 12.63 6.35 41.26
C ILE B 352 13.42 5.62 40.18
N CYS B 353 13.20 5.97 38.93
CA CYS B 353 13.89 5.27 37.85
C CYS B 353 15.36 5.71 37.83
N PRO B 354 16.21 4.84 37.34
CA PRO B 354 17.66 5.08 37.41
C PRO B 354 18.16 6.14 36.45
N ASP B 355 17.38 6.47 35.43
CA ASP B 355 17.78 7.52 34.48
C ASP B 355 17.40 8.91 35.00
N ILE B 356 18.39 9.74 35.31
CA ILE B 356 18.11 11.01 35.97
C ILE B 356 17.44 12.03 35.04
N ARG B 357 17.66 11.87 33.73
CA ARG B 357 17.01 12.73 32.77
C ARG B 357 15.50 12.49 32.84
N ILE B 358 15.09 11.24 33.01
CA ILE B 358 13.67 10.95 33.12
C ILE B 358 13.06 11.37 34.45
N VAL B 359 13.85 11.28 35.52
CA VAL B 359 13.39 11.74 36.80
C VAL B 359 13.13 13.24 36.67
N THR B 360 14.05 13.93 36.01
CA THR B 360 13.91 15.38 35.82
C THR B 360 12.64 15.74 35.02
N VAL B 361 12.38 15.01 33.94
CA VAL B 361 11.22 15.30 33.10
C VAL B 361 9.90 15.03 33.86
N CYS B 362 9.91 13.96 34.65
CA CYS B 362 8.75 13.65 35.46
C CYS B 362 8.53 14.71 36.53
N LEU B 363 9.61 15.12 37.18
CA LEU B 363 9.47 16.13 38.22
C LEU B 363 8.92 17.43 37.65
N GLU B 364 9.45 17.82 36.49
CA GLU B 364 8.99 19.03 35.82
C GLU B 364 7.51 18.95 35.48
N GLY B 365 7.07 17.81 34.96
CA GLY B 365 5.65 17.63 34.65
C GLY B 365 4.78 17.76 35.90
N LEU B 366 5.22 17.17 37.01
CA LEU B 366 4.46 17.29 38.24
C LEU B 366 4.44 18.74 38.71
N GLU B 367 5.54 19.45 38.52
CA GLU B 367 5.60 20.83 38.93
C GLU B 367 4.62 21.69 38.13
N ASN B 368 4.52 21.41 36.84
CA ASN B 368 3.59 22.11 35.99
C ASN B 368 2.17 21.80 36.39
N ILE B 369 1.93 20.57 36.79
CA ILE B 369 0.61 20.17 37.23
C ILE B 369 0.27 20.87 38.58
N LEU B 370 1.22 20.91 39.49
CA LEU B 370 0.97 21.56 40.77
C LEU B 370 0.66 23.06 40.62
N LYS B 371 1.35 23.73 39.69
CA LYS B 371 1.09 25.15 39.47
C LYS B 371 -0.35 25.35 39.06
N VAL B 372 -0.86 24.49 38.18
CA VAL B 372 -2.23 24.63 37.75
C VAL B 372 -3.19 24.40 38.93
N GLY B 373 -2.92 23.38 39.73
CA GLY B 373 -3.74 23.09 40.91
C GLY B 373 -3.81 24.22 41.93
N GLU B 374 -2.72 25.00 41.97
CA GLU B 374 -2.54 26.11 42.90
C GLU B 374 -3.34 27.31 42.42
N THR B 375 -3.40 27.48 41.10
CA THR B 375 -4.24 28.51 40.48
C THR B 375 -5.71 28.20 40.79
N ASP B 376 -6.10 26.93 40.68
CA ASP B 376 -7.46 26.52 41.04
C ASP B 376 -7.77 26.81 42.52
N LYS B 377 -6.77 26.61 43.38
CA LYS B 377 -6.92 26.81 44.82
C LYS B 377 -7.22 28.27 45.12
N THR B 378 -6.36 29.15 44.60
CA THR B 378 -6.49 30.58 44.81
C THR B 378 -7.81 31.13 44.30
N LEU B 379 -8.18 30.73 43.09
CA LEU B 379 -9.38 31.24 42.45
C LEU B 379 -10.64 30.81 43.22
N ALA B 380 -10.54 29.72 43.96
CA ALA B 380 -11.66 29.21 44.73
C ALA B 380 -11.54 29.62 46.19
N ALA B 381 -10.59 30.52 46.48
CA ALA B 381 -10.27 30.90 47.84
C ALA B 381 -10.26 29.64 48.70
N GLY B 382 -9.80 28.56 48.09
CA GLY B 382 -9.88 27.24 48.67
C GLY B 382 -8.75 27.00 49.65
N ASP B 383 -8.82 25.87 50.34
CA ASP B 383 -7.84 25.54 51.34
C ASP B 383 -6.76 24.61 50.80
N VAL B 384 -7.08 23.79 49.80
CA VAL B 384 -6.13 22.79 49.35
C VAL B 384 -5.93 22.68 47.81
N ASN B 385 -4.66 22.54 47.42
CA ASN B 385 -4.26 22.20 46.05
C ASN B 385 -4.64 20.75 45.81
N VAL B 386 -5.61 20.53 44.92
CA VAL B 386 -6.17 19.20 44.69
C VAL B 386 -5.13 18.26 44.11
N PHE B 387 -4.21 18.82 43.34
CA PHE B 387 -3.23 18.00 42.61
C PHE B 387 -2.11 17.60 43.54
N SER B 388 -1.76 18.45 44.49
CA SER B 388 -0.76 18.03 45.49
C SER B 388 -1.34 16.93 46.35
N GLN B 389 -2.64 16.95 46.60
CA GLN B 389 -3.30 15.82 47.27
C GLN B 389 -3.21 14.56 46.45
N MET B 390 -3.46 14.65 45.15
CA MET B 390 -3.39 13.48 44.30
C MET B 390 -1.94 12.92 44.25
N ILE B 391 -0.96 13.83 44.24
CA ILE B 391 0.44 13.42 44.21
C ILE B 391 0.83 12.70 45.52
N ASP B 392 0.22 13.11 46.63
CA ASP B 392 0.44 12.53 47.96
C ASP B 392 -0.10 11.09 47.97
N GLU B 393 -1.30 10.91 47.43
CA GLU B 393 -1.96 9.60 47.36
C GLU B 393 -1.32 8.56 46.46
N ALA B 394 -0.63 9.03 45.42
CA ALA B 394 0.04 8.18 44.48
C ALA B 394 1.43 7.79 45.00
N GLU B 395 1.71 8.16 46.24
CA GLU B 395 3.04 8.00 46.86
C GLU B 395 4.12 8.85 46.21
N GLY B 396 3.72 9.87 45.48
CA GLY B 396 4.64 10.80 44.88
C GLY B 396 5.31 11.74 45.88
N LEU B 397 4.61 12.09 46.95
CA LEU B 397 5.20 13.02 47.92
C LEU B 397 6.42 12.40 48.57
N GLU B 398 6.30 11.17 49.03
CA GLU B 398 7.43 10.53 49.70
C GLU B 398 8.64 10.40 48.75
N LYS B 399 8.35 10.11 47.49
CA LYS B 399 9.41 10.01 46.49
C LYS B 399 10.11 11.34 46.33
N ILE B 400 9.34 12.41 46.25
CA ILE B 400 9.93 13.73 46.11
C ILE B 400 10.75 14.05 47.35
N GLU B 401 10.24 13.69 48.51
CA GLU B 401 10.96 13.88 49.77
C GLU B 401 12.28 13.11 49.75
N ASN B 402 12.29 11.90 49.25
CA ASN B 402 13.53 11.15 49.14
C ASN B 402 14.52 11.70 48.12
N LEU B 403 14.03 12.46 47.15
CA LEU B 403 14.87 13.05 46.15
C LEU B 403 15.72 14.15 46.75
N GLN B 404 15.41 14.55 47.98
CA GLN B 404 16.24 15.53 48.67
C GLN B 404 17.60 14.93 48.97
N SER B 405 17.69 13.61 48.87
CA SER B 405 18.90 12.84 49.15
C SER B 405 19.70 12.57 47.89
N HIS B 406 19.20 13.04 46.76
CA HIS B 406 19.76 12.64 45.47
C HIS B 406 21.10 13.35 45.19
N ASP B 407 22.05 12.63 44.61
CA ASP B 407 23.34 13.22 44.19
C ASP B 407 23.16 14.45 43.30
N ASN B 408 22.50 14.23 42.16
CA ASN B 408 22.25 15.28 41.19
C ASN B 408 21.69 16.58 41.79
N ASN B 409 22.42 17.68 41.62
CA ASN B 409 22.01 18.98 42.17
C ASN B 409 20.71 19.53 41.62
N GLU B 410 20.55 19.43 40.30
CA GLU B 410 19.35 19.91 39.65
C GLU B 410 18.14 19.17 40.17
N ILE B 411 18.24 17.85 40.26
CA ILE B 411 17.16 17.07 40.83
C ILE B 411 16.92 17.48 42.27
N TYR B 412 17.99 17.59 43.05
CA TYR B 412 17.86 17.97 44.45
C TYR B 412 17.19 19.31 44.63
N GLU B 413 17.66 20.33 43.93
CA GLU B 413 17.12 21.68 44.08
C GLU B 413 15.72 21.78 43.55
N LYS B 414 15.37 20.93 42.61
CA LYS B 414 14.03 20.94 42.08
C LYS B 414 13.10 20.38 43.12
N ALA B 415 13.55 19.34 43.80
CA ALA B 415 12.71 18.67 44.77
C ALA B 415 12.48 19.58 45.97
N VAL B 416 13.48 20.36 46.33
CA VAL B 416 13.37 21.26 47.47
C VAL B 416 12.41 22.40 47.13
N LYS B 417 12.64 23.04 46.01
CA LYS B 417 11.78 24.09 45.49
C LYS B 417 10.32 23.66 45.51
N ILE B 418 10.06 22.46 45.06
CA ILE B 418 8.70 21.97 44.95
C ILE B 418 8.09 21.79 46.34
N LEU B 419 8.84 21.17 47.23
CA LEU B 419 8.36 20.86 48.56
C LEU B 419 8.10 22.13 49.35
N GLU B 420 8.84 23.17 49.03
CA GLU B 420 8.79 24.39 49.79
C GLU B 420 7.63 25.21 49.27
N ALA B 421 7.35 25.04 47.99
CA ALA B 421 6.25 25.79 47.39
C ALA B 421 4.87 25.20 47.69
N TYR B 422 4.78 23.88 47.80
CA TYR B 422 3.47 23.19 47.90
C TYR B 422 3.28 22.36 49.18
N TRP B 423 4.35 22.15 49.93
CA TRP B 423 4.24 21.43 51.19
C TRP B 423 5.07 22.10 52.29
N MET B 424 4.74 23.34 52.63
CA MET B 424 5.40 23.98 53.75
C MET B 424 4.45 24.20 54.90
N SER C 2 10.24 20.35 25.15
CA SER C 2 11.35 20.70 24.25
C SER C 2 11.56 19.64 23.14
N LYS C 3 11.89 20.11 21.93
CA LYS C 3 12.15 19.22 20.79
C LYS C 3 13.45 18.50 21.00
N ARG C 4 13.40 17.19 20.81
CA ARG C 4 14.54 16.32 21.06
C ARG C 4 14.99 15.67 19.76
N PRO C 5 16.27 15.84 19.42
CA PRO C 5 16.78 15.27 18.19
C PRO C 5 16.89 13.77 18.33
N ARG C 6 17.16 13.14 17.21
CA ARG C 6 17.14 11.69 17.10
C ARG C 6 18.12 11.01 18.06
N SER C 14 28.81 2.16 8.42
CA SER C 14 28.52 0.79 8.01
C SER C 14 28.35 0.69 6.48
N GLU C 15 28.41 -0.55 5.99
CA GLU C 15 28.33 -0.80 4.57
C GLU C 15 26.90 -1.20 4.24
N ARG C 16 26.44 -0.89 3.04
CA ARG C 16 25.13 -1.32 2.58
C ARG C 16 25.28 -1.69 1.11
N LYS C 17 25.39 -2.99 0.85
CA LYS C 17 25.83 -3.50 -0.42
C LYS C 17 24.98 -4.67 -0.84
N ARG C 18 24.94 -4.92 -2.14
CA ARG C 18 24.10 -6.00 -2.67
C ARG C 18 24.85 -6.71 -3.79
N GLU C 19 25.08 -8.02 -3.63
CA GLU C 19 25.58 -8.86 -4.72
C GLU C 19 24.42 -9.18 -5.67
N ARG C 20 24.67 -9.32 -6.96
CA ARG C 20 23.65 -9.75 -7.90
C ARG C 20 23.77 -11.24 -8.20
N LEU D 1 -2.98 -20.94 -24.75
CA LEU D 1 -3.26 -19.52 -24.93
C LEU D 1 -2.76 -18.69 -23.74
N SER D 2 -2.97 -17.37 -23.77
CA SER D 2 -2.52 -16.52 -22.65
C SER D 2 -3.65 -15.89 -21.79
N LYS D 3 -3.47 -16.00 -20.47
CA LYS D 3 -4.35 -15.41 -19.46
C LYS D 3 -4.15 -13.90 -19.43
N ARG D 4 -5.26 -13.16 -19.39
CA ARG D 4 -5.22 -11.73 -19.47
C ARG D 4 -5.84 -11.18 -18.22
N PRO D 5 -5.08 -10.33 -17.52
CA PRO D 5 -5.49 -9.78 -16.24
C PRO D 5 -6.63 -8.82 -16.48
N ARG D 6 -7.24 -8.39 -15.39
CA ARG D 6 -8.46 -7.63 -15.47
C ARG D 6 -8.29 -6.34 -16.29
N GLU D 7 -8.84 -6.43 -17.50
CA GLU D 7 -8.99 -5.30 -18.41
C GLU D 7 -8.55 -3.94 -17.82
N SER D 14 -12.05 6.21 -5.47
CA SER D 14 -13.39 6.80 -5.32
C SER D 14 -14.06 6.47 -3.97
N GLU D 15 -15.10 7.22 -3.66
CA GLU D 15 -15.76 7.13 -2.37
C GLU D 15 -16.98 6.24 -2.51
N ARG D 16 -17.33 5.56 -1.42
CA ARG D 16 -18.53 4.74 -1.40
C ARG D 16 -19.14 4.86 0.00
N LYS D 17 -20.14 5.71 0.11
CA LYS D 17 -20.66 6.11 1.40
C LYS D 17 -22.14 6.08 1.34
N ARG D 18 -22.76 5.97 2.52
CA ARG D 18 -24.21 5.89 2.65
C ARG D 18 -24.69 6.74 3.81
N GLU D 19 -25.54 7.70 3.51
CA GLU D 19 -26.21 8.44 4.56
C GLU D 19 -27.35 7.60 5.11
N ARG D 20 -27.56 7.63 6.42
CA ARG D 20 -28.72 6.93 7.00
C ARG D 20 -29.93 7.86 7.14
C1 PEG E . -15.48 -4.77 19.91
O1 PEG E . -15.57 -6.05 20.48
C2 PEG E . -14.40 -3.87 20.45
O2 PEG E . -13.22 -4.02 19.74
C3 PEG E . -11.93 -3.89 20.29
C4 PEG E . -11.55 -2.42 20.19
O4 PEG E . -11.28 -1.82 21.38
H11 PEG E . -16.33 -4.33 20.04
H12 PEG E . -15.33 -4.87 18.95
HO1 PEG E . -16.18 -6.53 20.06
H21 PEG E . -14.23 -4.13 21.37
H22 PEG E . -14.70 -2.95 20.42
H31 PEG E . -11.29 -4.45 19.81
H32 PEG E . -11.95 -4.14 21.24
H41 PEG E . -12.28 -1.95 19.75
H42 PEG E . -10.76 -2.36 19.62
HO4 PEG E . -11.55 -0.97 21.35
C1 PEG F . -28.51 -9.77 16.75
O1 PEG F . -28.45 -9.60 18.14
C2 PEG F . -28.78 -8.48 16.04
O2 PEG F . -27.65 -7.68 15.97
C3 PEG F . -27.72 -6.55 15.20
C4 PEG F . -27.42 -5.27 15.94
O4 PEG F . -28.09 -4.22 15.31
H11 PEG F . -29.23 -10.41 16.55
H12 PEG F . -27.68 -10.15 16.43
HO1 PEG F . -28.29 -10.39 18.52
H21 PEG F . -29.47 -8.00 16.53
H22 PEG F . -29.11 -8.67 15.14
H31 PEG F . -28.62 -6.48 14.85
H32 PEG F . -27.11 -6.63 14.44
H41 PEG F . -26.46 -5.10 15.91
H42 PEG F . -27.71 -5.35 16.85
HO4 PEG F . -28.05 -3.50 15.82
C1 PEG G . -24.31 -15.24 8.57
O1 PEG G . -23.81 -16.46 8.12
C2 PEG G . -23.65 -14.93 9.88
O2 PEG G . -22.34 -15.32 9.80
C3 PEG G . -21.49 -14.67 8.92
C4 PEG G . -20.31 -14.23 9.70
O4 PEG G . -20.36 -14.84 10.93
H11 PEG G . -25.26 -15.30 8.69
H12 PEG G . -24.08 -14.55 7.93
HO1 PEG G . -24.34 -16.76 7.47
H21 PEG G . -24.09 -15.43 10.59
H22 PEG G . -23.72 -13.97 10.06
H31 PEG G . -21.93 -13.89 8.54
H32 PEG G . -21.22 -15.27 8.21
H41 PEG G . -20.34 -13.25 9.81
H42 PEG G . -19.48 -14.48 9.24
HO4 PEG G . -20.18 -14.26 11.57
C1 PEG H . -11.69 -19.71 4.55
O1 PEG H . -11.93 -21.00 5.03
C2 PEG H . -10.23 -19.47 4.37
O2 PEG H . -9.84 -19.42 3.02
C3 PEG H . -8.50 -19.29 2.75
C4 PEG H . -8.03 -17.98 3.29
O4 PEG H . -7.51 -18.06 4.59
H11 PEG H . -12.04 -19.06 5.18
H12 PEG H . -12.14 -19.59 3.69
HO1 PEG H . -12.80 -21.12 5.12
H21 PEG H . -9.74 -20.21 4.79
H22 PEG H . -9.98 -18.65 4.81
H31 PEG H . -8.35 -19.34 1.79
H32 PEG H . -8.00 -20.01 3.20
H41 PEG H . -8.78 -17.35 3.29
H42 PEG H . -7.33 -17.64 2.70
HO4 PEG H . -7.82 -17.40 5.07
C1 PEG I . -7.04 3.35 22.17
O1 PEG I . -7.12 3.87 20.89
C2 PEG I . -7.64 1.98 22.30
O2 PEG I . -6.65 1.02 22.16
C3 PEG I . -6.94 -0.32 22.30
C4 PEG I . -7.29 -0.95 20.98
O4 PEG I . -7.10 -2.32 21.05
H11 PEG I . -7.51 3.94 22.78
H12 PEG I . -6.11 3.30 22.43
HO1 PEG I . -6.98 3.22 20.29
H21 PEG I . -8.29 1.86 21.59
H22 PEG I . -8.07 1.89 23.16
H31 PEG I . -7.71 -0.42 22.89
H32 PEG I . -6.17 -0.78 22.68
H41 PEG I . -6.73 -0.58 20.28
H42 PEG I . -8.23 -0.77 20.78
HO4 PEG I . -6.73 -2.60 20.31
C1 PEG J . 25.35 9.41 -18.16
O1 PEG J . 26.70 9.78 -18.09
C2 PEG J . 24.63 9.97 -19.36
O2 PEG J . 23.68 10.95 -19.05
C3 PEG J . 24.06 12.29 -19.09
C4 PEG J . 23.08 13.18 -18.37
O4 PEG J . 21.88 13.27 -19.06
H11 PEG J . 24.90 9.72 -17.35
H12 PEG J . 25.30 8.43 -18.19
HO1 PEG J . 27.03 9.52 -17.30
H21 PEG J . 24.20 9.25 -19.84
H22 PEG J . 25.29 10.38 -19.95
H31 PEG J . 24.13 12.58 -20.01
H32 PEG J . 24.92 12.38 -18.66
H41 PEG J . 23.47 14.07 -18.28
H42 PEG J . 22.91 12.82 -17.49
HO4 PEG J . 22.04 13.47 -19.91
C1 PEG K . 18.35 -0.17 4.94
O1 PEG K . 17.94 -1.23 4.17
C2 PEG K . 18.51 -0.56 6.37
O2 PEG K . 18.65 0.60 7.11
C3 PEG K . 19.56 1.54 6.68
C4 PEG K . 19.73 2.60 7.71
O4 PEG K . 20.97 3.20 7.57
H11 PEG K . 17.69 0.54 4.87
H12 PEG K . 19.20 0.17 4.60
HO1 PEG K . 17.48 -1.80 4.68
H21 PEG K . 19.31 -1.11 6.47
H22 PEG K . 17.73 -1.05 6.67
H31 PEG K . 19.25 1.94 5.85
H32 PEG K . 20.41 1.11 6.53
H41 PEG K . 19.65 2.22 8.59
H42 PEG K . 19.04 3.29 7.59
HO4 PEG K . 21.10 3.79 8.22
C1 PEG L . 11.64 10.51 54.10
O1 PEG L . 12.61 11.44 53.76
C2 PEG L . 10.28 10.96 53.67
O2 PEG L . 9.54 9.90 53.16
C3 PEG L . 10.06 9.19 52.10
C4 PEG L . 10.43 7.80 52.50
O4 PEG L . 10.15 6.80 51.57
H11 PEG L . 11.64 10.37 55.06
H12 PEG L . 11.84 9.66 53.66
HO1 PEG L . 13.41 11.11 53.91
H21 PEG L . 10.37 11.63 52.97
H22 PEG L . 9.81 11.35 54.42
H31 PEG L . 10.87 9.64 51.78
H32 PEG L . 9.41 9.16 51.37
H41 PEG L . 9.96 7.58 53.32
H42 PEG L . 11.39 7.77 52.67
HO4 PEG L . 9.28 6.68 51.51
C1 PEG M . -8.77 20.82 27.10
O1 PEG M . -8.68 21.71 26.02
C2 PEG M . -9.88 19.86 26.84
O2 PEG M . -9.61 19.20 25.63
C3 PEG M . -10.63 18.46 25.06
C4 PEG M . -10.79 17.18 25.83
O4 PEG M . -11.73 16.37 25.22
H11 PEG M . -8.96 21.32 27.91
H12 PEG M . -7.93 20.34 27.19
HO1 PEG M . -8.30 22.46 26.29
H21 PEG M . -10.71 20.35 26.75
H22 PEG M . -9.95 19.22 27.56
H31 PEG M . -10.43 18.28 24.13
H32 PEG M . -11.47 18.96 25.13
H41 PEG M . -11.07 17.38 26.74
H42 PEG M . -9.93 16.72 25.85
HO4 PEG M . -11.74 15.57 25.62
#